data_8BCI
#
_entry.id   8BCI
#
_cell.length_a   221.335
_cell.length_b   65.688
_cell.length_c   66.269
_cell.angle_alpha   90.000
_cell.angle_beta   107.350
_cell.angle_gamma   90.000
#
_symmetry.space_group_name_H-M   'C 1 2 1'
#
loop_
_entity.id
_entity.type
_entity.pdbx_description
1 polymer 'Probable short-chain dehydrogenase'
2 non-polymer '2-(N-MORPHOLINO)-ETHANESULFONIC ACID'
3 non-polymer GLYCEROL
4 water water
#
_entity_poly.entity_id   1
_entity_poly.type   'polypeptide(L)'
_entity_poly.pdbx_seq_one_letter_code
;GHMRNVMLITGASRGIGAATALLAAERGYAVVLNYLRNREAAEALRQRIERQGGEALAVAADVAEEGDVERLFASIDERF
GRLDVLVNNAGMLEAQTRLENIDAARLHRVFATNVTGSFLCAREAVKRLSTRHGGRGGSIVNVSSMASRLGSPNEYIDYA
AAKGAIDSMTIGLAREVAAEGIRVNAVRPGLIDTEIHASGGEPGRIERLKGGIPLGRGGTAEEVARAILWLASDEASYST
GTFIDVSGGR
;
_entity_poly.pdbx_strand_id   A,B,C,D
#
# COMPACT_ATOMS: atom_id res chain seq x y z
N HIS A 2 16.52 3.58 -39.65
CA HIS A 2 17.83 2.87 -39.48
C HIS A 2 18.37 2.86 -38.05
N MET A 3 17.63 3.45 -37.12
CA MET A 3 18.10 3.60 -35.74
C MET A 3 16.95 3.33 -34.75
N ARG A 4 16.48 2.09 -34.73
CA ARG A 4 15.37 1.71 -33.86
C ARG A 4 15.74 1.89 -32.39
N ASN A 5 14.78 2.28 -31.56
CA ASN A 5 14.98 2.11 -30.12
C ASN A 5 15.20 0.63 -29.81
N VAL A 6 15.98 0.36 -28.76
CA VAL A 6 16.46 -0.98 -28.45
C VAL A 6 15.87 -1.38 -27.10
N MET A 7 15.19 -2.52 -27.07
CA MET A 7 14.59 -3.06 -25.85
C MET A 7 15.20 -4.41 -25.50
N LEU A 8 15.72 -4.52 -24.27
CA LEU A 8 16.19 -5.80 -23.75
C LEU A 8 15.06 -6.42 -22.95
N ILE A 9 14.67 -7.65 -23.29
CA ILE A 9 13.69 -8.39 -22.50
C ILE A 9 14.39 -9.59 -21.92
N THR A 10 14.38 -9.74 -20.60
CA THR A 10 14.96 -10.92 -19.99
C THR A 10 13.89 -12.02 -19.85
N GLY A 11 14.34 -13.28 -19.82
CA GLY A 11 13.34 -14.34 -19.76
C GLY A 11 12.38 -14.33 -20.93
N ALA A 12 12.89 -14.08 -22.12
CA ALA A 12 12.06 -13.72 -23.26
C ALA A 12 11.57 -14.91 -24.08
N SER A 13 11.89 -16.15 -23.68
CA SER A 13 11.65 -17.27 -24.60
C SER A 13 10.19 -17.71 -24.63
N ARG A 14 9.42 -17.37 -23.60
CA ARG A 14 8.03 -17.78 -23.57
C ARG A 14 7.22 -16.77 -22.77
N GLY A 15 5.91 -16.99 -22.77
CA GLY A 15 5.05 -16.30 -21.82
C GLY A 15 5.08 -14.79 -22.00
N ILE A 16 5.00 -14.10 -20.86
CA ILE A 16 4.98 -12.64 -20.86
C ILE A 16 6.17 -12.05 -21.62
N GLY A 17 7.35 -12.63 -21.41
CA GLY A 17 8.54 -12.12 -22.08
C GLY A 17 8.47 -12.23 -23.59
N ALA A 18 8.04 -13.40 -24.08
CA ALA A 18 7.87 -13.58 -25.53
C ALA A 18 6.83 -12.62 -26.08
N ALA A 19 5.67 -12.49 -25.38
CA ALA A 19 4.63 -11.60 -25.89
C ALA A 19 5.12 -10.16 -25.94
N THR A 20 5.93 -9.76 -24.95
CA THR A 20 6.45 -8.40 -24.91
C THR A 20 7.45 -8.17 -26.03
N ALA A 21 8.35 -9.12 -26.28
CA ALA A 21 9.30 -8.98 -27.39
C ALA A 21 8.57 -8.88 -28.74
N LEU A 22 7.57 -9.74 -28.96
CA LEU A 22 6.85 -9.70 -30.22
C LEU A 22 6.14 -8.37 -30.41
N LEU A 23 5.46 -7.88 -29.35
CA LEU A 23 4.72 -6.62 -29.46
C LEU A 23 5.68 -5.47 -29.68
N ALA A 24 6.80 -5.46 -28.93
CA ALA A 24 7.78 -4.40 -29.10
C ALA A 24 8.32 -4.38 -30.52
N ALA A 25 8.61 -5.56 -31.07
CA ALA A 25 9.12 -5.58 -32.44
C ALA A 25 8.06 -5.10 -33.42
N GLU A 26 6.80 -5.49 -33.22
CA GLU A 26 5.72 -5.01 -34.08
C GLU A 26 5.60 -3.49 -34.04
N ARG A 27 5.90 -2.89 -32.90
CA ARG A 27 5.85 -1.44 -32.73
C ARG A 27 7.14 -0.75 -33.11
N GLY A 28 8.13 -1.47 -33.60
CA GLY A 28 9.30 -0.85 -34.20
C GLY A 28 10.58 -0.94 -33.38
N TYR A 29 10.54 -1.51 -32.19
CA TYR A 29 11.77 -1.70 -31.45
C TYR A 29 12.67 -2.74 -32.08
N ALA A 30 13.97 -2.52 -32.00
CA ALA A 30 14.92 -3.62 -32.05
C ALA A 30 14.87 -4.33 -30.71
N VAL A 31 14.90 -5.66 -30.70
CA VAL A 31 14.71 -6.38 -29.44
C VAL A 31 15.88 -7.31 -29.18
N VAL A 32 16.27 -7.39 -27.91
CA VAL A 32 17.25 -8.35 -27.45
C VAL A 32 16.51 -9.37 -26.62
N LEU A 33 16.50 -10.62 -27.09
CA LEU A 33 15.78 -11.71 -26.45
C LEU A 33 16.79 -12.45 -25.58
N ASN A 34 16.83 -12.09 -24.29
CA ASN A 34 17.62 -12.86 -23.36
C ASN A 34 16.83 -14.06 -22.85
N TYR A 35 17.52 -15.20 -22.79
CA TYR A 35 16.91 -16.44 -22.35
C TYR A 35 17.97 -17.25 -21.60
N LEU A 36 17.49 -18.19 -20.81
CA LEU A 36 18.33 -18.99 -19.92
C LEU A 36 18.76 -20.25 -20.62
N ARG A 37 17.80 -21.12 -20.93
CA ARG A 37 18.11 -22.42 -21.50
C ARG A 37 17.25 -22.83 -22.70
N ASN A 38 16.07 -22.22 -22.91
CA ASN A 38 15.17 -22.65 -23.99
C ASN A 38 15.54 -21.97 -25.29
N ARG A 39 16.61 -22.50 -25.89
CA ARG A 39 17.14 -21.95 -27.11
C ARG A 39 16.20 -22.07 -28.30
N GLU A 40 15.53 -23.22 -28.45
CA GLU A 40 14.65 -23.41 -29.60
C GLU A 40 13.54 -22.38 -29.63
N ALA A 41 12.93 -22.13 -28.49
CA ALA A 41 11.87 -21.13 -28.43
C ALA A 41 12.41 -19.73 -28.69
N ALA A 42 13.55 -19.39 -28.08
CA ALA A 42 14.09 -18.04 -28.32
C ALA A 42 14.48 -17.87 -29.78
N GLU A 43 15.12 -18.89 -30.39
CA GLU A 43 15.50 -18.78 -31.79
C GLU A 43 14.28 -18.69 -32.71
N ALA A 44 13.20 -19.42 -32.40
CA ALA A 44 12.00 -19.33 -33.23
C ALA A 44 11.40 -17.92 -33.17
N LEU A 45 11.42 -17.30 -32.00
CA LEU A 45 10.97 -15.92 -31.85
C LEU A 45 11.83 -14.94 -32.65
N ARG A 46 13.15 -15.06 -32.54
CA ARG A 46 14.04 -14.20 -33.32
C ARG A 46 13.75 -14.34 -34.81
N GLN A 47 13.59 -15.57 -35.29
CA GLN A 47 13.34 -15.74 -36.72
C GLN A 47 12.01 -15.12 -37.13
N ARG A 48 10.97 -15.27 -36.30
CA ARG A 48 9.67 -14.66 -36.60
C ARG A 48 9.82 -13.15 -36.77
N ILE A 49 10.57 -12.49 -35.87
CA ILE A 49 10.74 -11.05 -35.95
C ILE A 49 11.54 -10.71 -37.20
N GLU A 50 12.58 -11.49 -37.50
CA GLU A 50 13.42 -11.15 -38.65
C GLU A 50 12.66 -11.33 -39.95
N ARG A 51 11.82 -12.36 -40.03
CA ARG A 51 11.02 -12.58 -41.23
CA ARG A 51 11.04 -12.58 -41.25
C ARG A 51 10.12 -11.40 -41.54
N GLN A 52 9.64 -10.70 -40.51
CA GLN A 52 8.77 -9.54 -40.69
C GLN A 52 9.57 -8.24 -40.92
N GLY A 53 10.88 -8.34 -41.07
CA GLY A 53 11.71 -7.20 -41.33
C GLY A 53 12.28 -6.55 -40.09
N GLY A 54 12.08 -7.18 -38.92
CA GLY A 54 12.55 -6.61 -37.67
C GLY A 54 13.99 -6.96 -37.37
N GLU A 55 14.46 -6.45 -36.24
CA GLU A 55 15.82 -6.65 -35.76
C GLU A 55 15.72 -7.31 -34.39
N ALA A 56 16.32 -8.49 -34.27
CA ALA A 56 16.28 -9.24 -33.02
C ALA A 56 17.62 -9.93 -32.81
N LEU A 57 18.14 -9.80 -31.58
CA LEU A 57 19.35 -10.50 -31.14
C LEU A 57 18.95 -11.42 -30.00
N ALA A 58 19.25 -12.71 -30.12
CA ALA A 58 18.96 -13.65 -29.03
C ALA A 58 20.26 -13.98 -28.31
N VAL A 59 20.24 -13.95 -26.97
CA VAL A 59 21.45 -14.14 -26.18
C VAL A 59 21.14 -15.02 -24.99
N ALA A 60 21.79 -16.17 -24.92
CA ALA A 60 21.72 -17.00 -23.75
C ALA A 60 22.59 -16.40 -22.66
N ALA A 61 22.00 -16.15 -21.48
CA ALA A 61 22.71 -15.65 -20.33
C ALA A 61 21.83 -15.82 -19.10
N ASP A 62 22.47 -16.20 -17.99
CA ASP A 62 21.80 -16.34 -16.70
C ASP A 62 21.91 -15.03 -15.95
N VAL A 63 20.79 -14.31 -15.81
CA VAL A 63 20.83 -12.99 -15.19
C VAL A 63 21.20 -13.04 -13.72
N ALA A 64 21.14 -14.19 -13.08
CA ALA A 64 21.62 -14.34 -11.70
C ALA A 64 23.15 -14.25 -11.60
N GLU A 65 23.86 -14.39 -12.72
CA GLU A 65 25.31 -14.48 -12.74
C GLU A 65 25.89 -13.20 -13.30
N GLU A 66 26.68 -12.53 -12.47
CA GLU A 66 27.23 -11.23 -12.85
C GLU A 66 28.04 -11.31 -14.15
N GLY A 67 28.83 -12.36 -14.32
CA GLY A 67 29.64 -12.44 -15.53
C GLY A 67 28.79 -12.58 -16.78
N ASP A 68 27.71 -13.38 -16.69
CA ASP A 68 26.76 -13.49 -17.78
C ASP A 68 26.07 -12.16 -18.06
N VAL A 69 25.66 -11.43 -17.02
CA VAL A 69 25.01 -10.14 -17.24
C VAL A 69 25.96 -9.19 -17.97
N GLU A 70 27.23 -9.14 -17.55
CA GLU A 70 28.13 -8.21 -18.21
C GLU A 70 28.35 -8.59 -19.68
N ARG A 71 28.46 -9.87 -19.98
CA ARG A 71 28.58 -10.31 -21.36
C ARG A 71 27.31 -10.01 -22.15
N LEU A 72 26.14 -10.24 -21.56
CA LEU A 72 24.88 -9.93 -22.23
C LEU A 72 24.86 -8.48 -22.69
N PHE A 73 25.19 -7.53 -21.79
CA PHE A 73 25.14 -6.13 -22.19
C PHE A 73 26.28 -5.75 -23.13
N ALA A 74 27.43 -6.40 -23.02
CA ALA A 74 28.47 -6.19 -24.03
C ALA A 74 27.99 -6.59 -25.42
N SER A 75 27.21 -7.65 -25.52
CA SER A 75 26.70 -8.07 -26.81
C SER A 75 25.73 -7.06 -27.38
N ILE A 76 24.92 -6.43 -26.51
CA ILE A 76 24.06 -5.35 -26.96
C ILE A 76 24.90 -4.18 -27.45
N ASP A 77 25.95 -3.85 -26.69
CA ASP A 77 26.77 -2.72 -27.08
C ASP A 77 27.33 -2.93 -28.48
N GLU A 78 27.81 -4.13 -28.77
CA GLU A 78 28.46 -4.33 -30.08
C GLU A 78 27.45 -4.43 -31.20
N ARG A 79 26.27 -5.00 -30.95
N ARG A 79 26.26 -5.00 -30.95
CA ARG A 79 25.28 -5.21 -32.00
CA ARG A 79 25.28 -5.21 -32.00
C ARG A 79 24.54 -3.90 -32.32
C ARG A 79 24.51 -3.92 -32.32
N PHE A 80 24.11 -3.17 -31.28
CA PHE A 80 23.27 -1.99 -31.46
C PHE A 80 23.92 -0.68 -31.02
N GLY A 81 24.90 -0.72 -30.14
CA GLY A 81 25.56 0.49 -29.68
C GLY A 81 24.72 1.42 -28.86
N ARG A 82 23.57 0.94 -28.39
N ARG A 82 23.56 0.95 -28.39
CA ARG A 82 22.68 1.76 -27.58
CA ARG A 82 22.66 1.78 -27.61
C ARG A 82 21.72 0.84 -26.85
C ARG A 82 21.65 0.87 -26.92
N LEU A 83 21.01 1.41 -25.89
CA LEU A 83 19.95 0.72 -25.17
C LEU A 83 18.92 1.76 -24.80
N ASP A 84 17.63 1.42 -24.91
CA ASP A 84 16.58 2.37 -24.56
C ASP A 84 15.64 1.90 -23.48
N VAL A 85 15.34 0.60 -23.44
CA VAL A 85 14.36 0.07 -22.50
C VAL A 85 14.89 -1.25 -21.97
N LEU A 86 14.76 -1.46 -20.67
CA LEU A 86 14.96 -2.77 -20.07
C LEU A 86 13.62 -3.25 -19.51
N VAL A 87 13.24 -4.48 -19.88
CA VAL A 87 12.12 -5.18 -19.26
C VAL A 87 12.70 -6.32 -18.42
N ASN A 88 12.64 -6.16 -17.08
CA ASN A 88 13.12 -7.18 -16.14
C ASN A 88 12.01 -8.20 -15.95
N ASN A 89 11.97 -9.20 -16.84
CA ASN A 89 10.93 -10.20 -16.83
C ASN A 89 11.36 -11.54 -16.26
N ALA A 90 12.62 -11.91 -16.44
CA ALA A 90 13.09 -13.19 -15.93
C ALA A 90 12.56 -13.41 -14.51
N GLY A 91 11.81 -14.49 -14.34
CA GLY A 91 11.29 -14.87 -13.05
C GLY A 91 11.47 -16.36 -12.85
N MET A 92 11.19 -16.80 -11.63
N MET A 92 11.20 -16.79 -11.64
CA MET A 92 11.40 -18.20 -11.27
CA MET A 92 11.39 -18.18 -11.25
C MET A 92 10.44 -18.55 -10.16
C MET A 92 10.39 -18.51 -10.17
N LEU A 93 9.65 -19.60 -10.38
CA LEU A 93 8.69 -20.12 -9.41
C LEU A 93 9.04 -21.58 -9.16
N GLU A 94 9.05 -21.98 -7.90
CA GLU A 94 9.27 -23.39 -7.57
C GLU A 94 7.95 -24.00 -7.09
N ALA A 95 8.00 -25.25 -6.65
CA ALA A 95 6.78 -25.99 -6.36
C ALA A 95 5.98 -25.35 -5.23
N GLN A 96 4.67 -25.63 -5.20
CA GLN A 96 3.84 -25.18 -4.09
C GLN A 96 4.41 -25.69 -2.77
N THR A 97 4.39 -24.82 -1.76
CA THR A 97 5.01 -25.15 -0.49
C THR A 97 4.43 -24.23 0.55
N ARG A 98 4.48 -24.68 1.80
CA ARG A 98 4.36 -23.78 2.93
C ARG A 98 5.76 -23.31 3.36
N LEU A 99 5.77 -22.19 4.10
CA LEU A 99 7.05 -21.60 4.45
C LEU A 99 7.88 -22.56 5.29
N GLU A 100 7.24 -23.36 6.14
CA GLU A 100 7.98 -24.27 7.01
C GLU A 100 8.80 -25.29 6.24
N ASN A 101 8.56 -25.45 4.94
CA ASN A 101 9.30 -26.40 4.12
C ASN A 101 10.18 -25.73 3.07
N ILE A 102 10.37 -24.40 3.16
CA ILE A 102 11.26 -23.68 2.28
C ILE A 102 12.65 -23.66 2.89
N ASP A 103 13.66 -24.20 2.17
CA ASP A 103 15.00 -24.24 2.71
C ASP A 103 15.87 -23.20 2.05
N ALA A 104 17.10 -23.07 2.57
CA ALA A 104 17.95 -21.98 2.11
C ALA A 104 18.29 -22.11 0.63
N ALA A 105 18.53 -23.35 0.15
CA ALA A 105 18.87 -23.50 -1.27
C ALA A 105 17.75 -22.97 -2.17
N ARG A 106 16.49 -23.22 -1.81
CA ARG A 106 15.39 -22.70 -2.59
C ARG A 106 15.35 -21.18 -2.53
N LEU A 107 15.50 -20.62 -1.33
CA LEU A 107 15.49 -19.17 -1.22
C LEU A 107 16.59 -18.55 -2.05
N HIS A 108 17.79 -19.15 -2.03
CA HIS A 108 18.88 -18.66 -2.85
C HIS A 108 18.50 -18.64 -4.32
N ARG A 109 17.90 -19.72 -4.81
CA ARG A 109 17.57 -19.78 -6.23
C ARG A 109 16.48 -18.78 -6.59
N VAL A 110 15.45 -18.68 -5.74
CA VAL A 110 14.32 -17.81 -6.03
C VAL A 110 14.76 -16.35 -6.00
N PHE A 111 15.56 -15.97 -5.02
CA PHE A 111 16.02 -14.60 -5.02
CA PHE A 111 16.06 -14.60 -4.97
C PHE A 111 17.07 -14.33 -6.08
N ALA A 112 17.84 -15.33 -6.48
CA ALA A 112 18.86 -15.06 -7.48
C ALA A 112 18.24 -14.67 -8.80
N THR A 113 17.25 -15.44 -9.26
CA THR A 113 16.68 -15.13 -10.56
CA THR A 113 16.63 -15.17 -10.56
C THR A 113 15.70 -13.96 -10.50
N ASN A 114 14.81 -13.94 -9.50
CA ASN A 114 13.79 -12.89 -9.45
C ASN A 114 14.34 -11.54 -9.00
N VAL A 115 15.30 -11.51 -8.08
CA VAL A 115 15.72 -10.25 -7.48
C VAL A 115 17.11 -9.84 -7.93
N THR A 116 18.12 -10.67 -7.66
CA THR A 116 19.48 -10.29 -8.05
C THR A 116 19.54 -10.03 -9.55
N GLY A 117 18.90 -10.87 -10.36
CA GLY A 117 18.94 -10.67 -11.80
C GLY A 117 18.40 -9.31 -12.23
N SER A 118 17.30 -8.88 -11.58
CA SER A 118 16.70 -7.58 -11.91
C SER A 118 17.59 -6.43 -11.46
N PHE A 119 18.22 -6.56 -10.27
CA PHE A 119 19.19 -5.56 -9.85
C PHE A 119 20.35 -5.46 -10.84
N LEU A 120 20.95 -6.60 -11.20
CA LEU A 120 22.15 -6.55 -12.02
C LEU A 120 21.85 -6.01 -13.40
N CYS A 121 20.69 -6.38 -13.98
CA CYS A 121 20.32 -5.83 -15.28
C CYS A 121 19.97 -4.36 -15.16
N ALA A 122 19.28 -3.96 -14.08
CA ALA A 122 18.99 -2.53 -13.90
C ALA A 122 20.29 -1.73 -13.80
N ARG A 123 21.28 -2.28 -13.10
N ARG A 123 21.30 -2.29 -13.13
CA ARG A 123 22.57 -1.62 -12.98
CA ARG A 123 22.58 -1.61 -12.97
C ARG A 123 23.19 -1.37 -14.35
C ARG A 123 23.26 -1.40 -14.33
N GLU A 124 23.30 -2.43 -15.16
CA GLU A 124 23.87 -2.26 -16.48
C GLU A 124 23.06 -1.33 -17.36
N ALA A 125 21.73 -1.34 -17.19
CA ALA A 125 20.87 -0.40 -17.93
C ALA A 125 21.15 1.05 -17.52
N VAL A 126 21.30 1.31 -16.22
CA VAL A 126 21.57 2.68 -15.77
C VAL A 126 22.88 3.17 -16.38
N LYS A 127 23.86 2.28 -16.49
CA LYS A 127 25.16 2.67 -17.00
C LYS A 127 25.09 3.14 -18.45
N ARG A 128 24.11 2.66 -19.20
CA ARG A 128 23.93 3.00 -20.60
C ARG A 128 22.88 4.06 -20.86
N LEU A 129 21.74 4.01 -20.13
CA LEU A 129 20.67 4.97 -20.35
C LEU A 129 20.96 6.34 -19.74
N SER A 130 21.71 6.39 -18.64
CA SER A 130 21.80 7.61 -17.84
C SER A 130 22.38 8.75 -18.65
N THR A 131 21.76 9.93 -18.56
CA THR A 131 22.36 11.11 -19.16
C THR A 131 23.70 11.49 -18.56
N ARG A 132 24.01 10.98 -17.37
N ARG A 132 24.03 10.97 -17.38
CA ARG A 132 25.33 11.19 -16.78
CA ARG A 132 25.34 11.20 -16.80
C ARG A 132 26.42 10.37 -17.46
C ARG A 132 26.42 10.31 -17.39
N HIS A 133 26.05 9.37 -18.25
CA HIS A 133 26.99 8.47 -18.90
C HIS A 133 26.83 8.50 -20.42
N GLY A 134 26.34 9.61 -20.96
CA GLY A 134 26.20 9.75 -22.38
C GLY A 134 25.00 9.10 -23.01
N GLY A 135 24.02 8.68 -22.22
CA GLY A 135 22.77 8.22 -22.79
C GLY A 135 21.79 9.36 -22.91
N ARG A 136 20.65 9.03 -23.52
CA ARG A 136 19.57 9.99 -23.65
C ARG A 136 18.39 9.65 -22.74
N GLY A 137 18.63 8.85 -21.71
CA GLY A 137 17.54 8.37 -20.88
C GLY A 137 16.85 7.15 -21.47
N GLY A 138 15.75 6.77 -20.85
CA GLY A 138 15.01 5.60 -21.24
C GLY A 138 14.17 5.12 -20.07
N SER A 139 13.84 3.82 -20.13
N SER A 139 13.81 3.84 -20.11
CA SER A 139 12.86 3.22 -19.24
CA SER A 139 12.96 3.35 -19.03
C SER A 139 13.32 1.86 -18.74
C SER A 139 13.23 1.88 -18.76
N ILE A 140 12.95 1.54 -17.51
CA ILE A 140 13.05 0.19 -16.97
C ILE A 140 11.65 -0.17 -16.53
N VAL A 141 11.18 -1.35 -16.94
CA VAL A 141 9.92 -1.89 -16.46
C VAL A 141 10.22 -3.22 -15.78
N ASN A 142 9.91 -3.30 -14.50
CA ASN A 142 10.08 -4.55 -13.75
C ASN A 142 8.78 -5.32 -13.82
N VAL A 143 8.88 -6.63 -14.05
CA VAL A 143 7.70 -7.48 -14.01
C VAL A 143 7.63 -8.09 -12.62
N SER A 144 6.70 -7.57 -11.81
CA SER A 144 6.47 -8.03 -10.46
C SER A 144 5.34 -9.05 -10.48
N SER A 145 4.45 -9.02 -9.49
CA SER A 145 3.31 -9.92 -9.41
C SER A 145 2.38 -9.41 -8.34
N MET A 146 1.09 -9.73 -8.45
CA MET A 146 0.18 -9.44 -7.33
C MET A 146 0.59 -10.23 -6.09
N ALA A 147 1.44 -11.27 -6.23
CA ALA A 147 1.94 -11.96 -5.05
C ALA A 147 2.59 -11.02 -4.05
N SER A 148 3.21 -9.94 -4.52
CA SER A 148 3.86 -9.02 -3.57
C SER A 148 2.87 -8.46 -2.58
N ARG A 149 1.62 -8.28 -3.01
CA ARG A 149 0.60 -7.69 -2.15
C ARG A 149 -0.18 -8.72 -1.37
N LEU A 150 -0.35 -9.93 -1.91
CA LEU A 150 -1.22 -10.94 -1.35
C LEU A 150 -0.47 -12.00 -0.55
N GLY A 151 0.82 -12.19 -0.82
CA GLY A 151 1.67 -12.99 0.04
C GLY A 151 1.81 -14.45 -0.35
N SER A 152 1.01 -14.93 -1.29
CA SER A 152 1.07 -16.31 -1.77
C SER A 152 1.04 -17.33 -0.65
N PRO A 153 0.16 -17.18 0.33
CA PRO A 153 0.11 -18.17 1.42
C PRO A 153 -0.26 -19.54 0.89
N ASN A 154 0.37 -20.56 1.46
CA ASN A 154 0.18 -21.96 1.11
C ASN A 154 0.60 -22.27 -0.32
N GLU A 155 1.33 -21.38 -0.98
CA GLU A 155 1.80 -21.55 -2.36
C GLU A 155 3.29 -21.28 -2.47
N TYR A 156 3.73 -20.03 -2.29
CA TYR A 156 5.16 -19.74 -2.38
C TYR A 156 5.45 -18.36 -1.79
N ILE A 157 5.47 -18.28 -0.47
CA ILE A 157 5.77 -17.00 0.17
C ILE A 157 7.14 -16.48 -0.24
N ASP A 158 8.07 -17.38 -0.62
CA ASP A 158 9.38 -16.96 -1.08
C ASP A 158 9.26 -16.13 -2.36
N TYR A 159 8.42 -16.57 -3.29
CA TYR A 159 8.19 -15.81 -4.51
C TYR A 159 7.51 -14.47 -4.20
N ALA A 160 6.53 -14.48 -3.28
CA ALA A 160 5.85 -13.22 -2.94
C ALA A 160 6.87 -12.23 -2.39
N ALA A 161 7.76 -12.73 -1.54
CA ALA A 161 8.80 -11.88 -0.97
C ALA A 161 9.71 -11.34 -2.05
N ALA A 162 10.09 -12.20 -3.01
CA ALA A 162 10.93 -11.73 -4.10
C ALA A 162 10.26 -10.58 -4.84
N LYS A 163 8.96 -10.70 -5.07
CA LYS A 163 8.27 -9.64 -5.80
C LYS A 163 8.05 -8.41 -4.93
N GLY A 164 7.89 -8.56 -3.62
CA GLY A 164 7.91 -7.37 -2.78
C GLY A 164 9.23 -6.65 -2.84
N ALA A 165 10.34 -7.39 -2.94
CA ALA A 165 11.64 -6.77 -3.14
C ALA A 165 11.67 -5.97 -4.46
N ILE A 166 11.10 -6.53 -5.54
CA ILE A 166 11.05 -5.80 -6.80
C ILE A 166 10.25 -4.51 -6.66
N ASP A 167 9.12 -4.57 -5.98
CA ASP A 167 8.32 -3.37 -5.82
C ASP A 167 9.11 -2.27 -5.10
N SER A 168 9.82 -2.62 -4.03
CA SER A 168 10.60 -1.62 -3.34
C SER A 168 11.75 -1.11 -4.20
N MET A 169 12.37 -1.99 -4.98
CA MET A 169 13.42 -1.53 -5.87
C MET A 169 12.86 -0.60 -6.94
N THR A 170 11.65 -0.87 -7.42
CA THR A 170 11.01 0.00 -8.39
C THR A 170 10.90 1.42 -7.82
N ILE A 171 10.40 1.52 -6.59
CA ILE A 171 10.20 2.83 -5.97
C ILE A 171 11.54 3.52 -5.75
N GLY A 172 12.47 2.81 -5.13
CA GLY A 172 13.75 3.42 -4.83
C GLY A 172 14.55 3.81 -6.06
N LEU A 173 14.61 2.94 -7.06
CA LEU A 173 15.36 3.29 -8.26
C LEU A 173 14.68 4.42 -9.04
N ALA A 174 13.36 4.41 -9.11
CA ALA A 174 12.66 5.53 -9.74
C ALA A 174 13.11 6.85 -9.14
N ARG A 175 13.15 6.93 -7.79
CA ARG A 175 13.54 8.19 -7.16
C ARG A 175 15.01 8.50 -7.40
N GLU A 176 15.87 7.48 -7.42
CA GLU A 176 17.30 7.65 -7.56
C GLU A 176 17.71 8.19 -8.92
N VAL A 177 17.16 7.64 -10.01
CA VAL A 177 17.65 7.95 -11.33
C VAL A 177 16.71 8.84 -12.13
N ALA A 178 15.67 9.38 -11.49
CA ALA A 178 14.78 10.29 -12.23
C ALA A 178 15.58 11.45 -12.84
N ALA A 179 16.57 11.96 -12.12
CA ALA A 179 17.31 13.11 -12.62
C ALA A 179 18.30 12.79 -13.72
N GLU A 180 18.50 11.50 -14.01
CA GLU A 180 19.34 10.99 -15.09
C GLU A 180 18.53 10.57 -16.30
N GLY A 181 17.26 10.95 -16.37
CA GLY A 181 16.48 10.66 -17.55
C GLY A 181 15.90 9.27 -17.63
N ILE A 182 15.85 8.53 -16.52
CA ILE A 182 15.44 7.12 -16.53
C ILE A 182 14.18 6.98 -15.69
N ARG A 183 13.08 6.55 -16.31
CA ARG A 183 11.86 6.18 -15.59
C ARG A 183 11.90 4.71 -15.25
N VAL A 184 11.32 4.37 -14.09
CA VAL A 184 11.35 3.01 -13.57
C VAL A 184 9.95 2.72 -13.05
N ASN A 185 9.27 1.72 -13.62
CA ASN A 185 7.91 1.37 -13.24
C ASN A 185 7.78 -0.15 -13.20
N ALA A 186 6.61 -0.65 -12.77
CA ALA A 186 6.42 -2.07 -12.70
C ALA A 186 5.00 -2.45 -13.09
N VAL A 187 4.85 -3.66 -13.60
CA VAL A 187 3.54 -4.29 -13.77
C VAL A 187 3.43 -5.41 -12.75
N ARG A 188 2.22 -5.61 -12.26
CA ARG A 188 1.90 -6.70 -11.32
C ARG A 188 0.88 -7.62 -11.97
N PRO A 189 1.32 -8.61 -12.71
CA PRO A 189 0.37 -9.61 -13.21
C PRO A 189 -0.24 -10.39 -12.06
N GLY A 190 -1.52 -10.73 -12.23
CA GLY A 190 -2.14 -11.75 -11.39
C GLY A 190 -1.96 -13.13 -12.00
N LEU A 191 -3.06 -13.84 -12.15
CA LEU A 191 -3.04 -15.14 -12.83
C LEU A 191 -3.03 -14.97 -14.33
N ILE A 192 -1.96 -15.46 -14.97
CA ILE A 192 -1.76 -15.35 -16.40
C ILE A 192 -1.72 -16.76 -16.98
N ASP A 193 -2.54 -16.99 -18.02
CA ASP A 193 -2.73 -18.33 -18.54
C ASP A 193 -1.43 -18.98 -18.96
N THR A 194 -0.59 -18.25 -19.70
CA THR A 194 0.65 -18.84 -20.21
C THR A 194 1.61 -19.24 -19.11
N GLU A 195 1.48 -18.70 -17.91
CA GLU A 195 2.52 -18.82 -16.90
C GLU A 195 2.20 -19.90 -15.86
N ILE A 196 1.06 -20.57 -15.96
CA ILE A 196 0.75 -21.71 -15.11
C ILE A 196 1.44 -22.94 -15.71
N HIS A 197 2.39 -23.51 -14.98
CA HIS A 197 3.07 -24.74 -15.38
C HIS A 197 2.38 -25.90 -14.66
N ALA A 198 1.50 -26.60 -15.38
CA ALA A 198 0.78 -27.72 -14.79
C ALA A 198 1.74 -28.89 -14.56
N SER A 199 1.67 -29.47 -13.36
CA SER A 199 2.55 -30.56 -12.97
C SER A 199 1.91 -31.94 -13.11
N GLY A 200 0.61 -32.00 -13.43
CA GLY A 200 -0.09 -33.25 -13.48
C GLY A 200 -0.79 -33.60 -12.18
N GLY A 201 -2.09 -33.85 -12.24
CA GLY A 201 -2.79 -34.35 -11.08
C GLY A 201 -3.24 -33.32 -10.09
N GLU A 202 -3.14 -32.03 -10.43
CA GLU A 202 -3.55 -30.98 -9.51
C GLU A 202 -4.64 -30.07 -10.05
N PRO A 203 -5.70 -30.60 -10.67
CA PRO A 203 -6.76 -29.69 -11.14
C PRO A 203 -7.42 -28.93 -10.03
N GLY A 204 -7.55 -29.52 -8.85
CA GLY A 204 -8.09 -28.78 -7.71
C GLY A 204 -7.25 -27.56 -7.36
N ARG A 205 -5.94 -27.75 -7.27
CA ARG A 205 -5.05 -26.62 -6.98
C ARG A 205 -5.18 -25.54 -8.05
N ILE A 206 -5.15 -25.94 -9.32
CA ILE A 206 -5.23 -24.98 -10.41
C ILE A 206 -6.56 -24.23 -10.36
N GLU A 207 -7.65 -24.92 -10.05
CA GLU A 207 -8.95 -24.27 -9.97
C GLU A 207 -9.02 -23.31 -8.79
N ARG A 208 -8.48 -23.71 -7.63
CA ARG A 208 -8.37 -22.79 -6.51
C ARG A 208 -7.60 -21.54 -6.91
N LEU A 209 -6.52 -21.70 -7.69
CA LEU A 209 -5.72 -20.55 -8.10
C LEU A 209 -6.53 -19.58 -8.96
N LYS A 210 -7.50 -20.08 -9.73
CA LYS A 210 -8.31 -19.22 -10.58
C LYS A 210 -9.43 -18.53 -9.82
N GLY A 211 -9.55 -18.78 -8.51
CA GLY A 211 -10.72 -18.38 -7.78
C GLY A 211 -10.65 -16.97 -7.24
N GLY A 212 -11.81 -16.32 -7.20
CA GLY A 212 -11.86 -14.98 -6.63
C GLY A 212 -11.13 -13.95 -7.47
N ILE A 213 -11.18 -14.08 -8.78
CA ILE A 213 -10.74 -13.02 -9.68
C ILE A 213 -11.99 -12.27 -10.12
N PRO A 214 -12.10 -10.96 -9.82
CA PRO A 214 -13.34 -10.26 -10.18
C PRO A 214 -13.72 -10.39 -11.66
N LEU A 215 -12.76 -10.29 -12.59
CA LEU A 215 -13.10 -10.37 -14.00
C LEU A 215 -13.39 -11.80 -14.45
N GLY A 216 -13.22 -12.78 -13.57
CA GLY A 216 -13.76 -14.11 -13.82
C GLY A 216 -12.97 -14.96 -14.80
N ARG A 217 -11.70 -14.65 -15.02
CA ARG A 217 -10.87 -15.36 -15.96
C ARG A 217 -9.41 -15.06 -15.66
N GLY A 218 -8.53 -15.88 -16.20
CA GLY A 218 -7.12 -15.56 -16.21
C GLY A 218 -6.79 -14.52 -17.26
N GLY A 219 -5.62 -13.89 -17.11
CA GLY A 219 -5.16 -12.91 -18.08
C GLY A 219 -4.30 -13.56 -19.15
N THR A 220 -4.02 -12.80 -20.19
CA THR A 220 -3.13 -13.27 -21.25
C THR A 220 -1.77 -12.60 -21.15
N ALA A 221 -0.75 -13.27 -21.71
CA ALA A 221 0.57 -12.66 -21.80
C ALA A 221 0.51 -11.36 -22.60
N GLU A 222 -0.34 -11.32 -23.64
CA GLU A 222 -0.48 -10.10 -24.44
C GLU A 222 -1.03 -8.95 -23.62
N GLU A 223 -1.95 -9.23 -22.68
CA GLU A 223 -2.44 -8.15 -21.81
C GLU A 223 -1.31 -7.58 -20.96
N VAL A 224 -0.46 -8.44 -20.40
CA VAL A 224 0.69 -7.93 -19.63
C VAL A 224 1.62 -7.13 -20.54
N ALA A 225 1.91 -7.63 -21.74
CA ALA A 225 2.84 -6.95 -22.65
C ALA A 225 2.37 -5.55 -22.97
N ARG A 226 1.05 -5.37 -23.15
CA ARG A 226 0.56 -4.04 -23.50
CA ARG A 226 0.54 -4.05 -23.50
C ARG A 226 0.79 -3.04 -22.38
N ALA A 227 0.67 -3.47 -21.12
CA ALA A 227 0.93 -2.59 -20.00
C ALA A 227 2.41 -2.24 -19.89
N ILE A 228 3.28 -3.25 -20.09
CA ILE A 228 4.73 -3.01 -20.12
C ILE A 228 5.07 -1.99 -21.19
N LEU A 229 4.58 -2.21 -22.41
CA LEU A 229 4.94 -1.29 -23.48
C LEU A 229 4.42 0.11 -23.21
N TRP A 230 3.25 0.24 -22.60
CA TRP A 230 2.74 1.58 -22.29
C TRP A 230 3.68 2.29 -21.33
N LEU A 231 4.09 1.61 -20.27
CA LEU A 231 4.97 2.25 -19.31
C LEU A 231 6.33 2.62 -19.91
N ALA A 232 6.81 1.85 -20.88
CA ALA A 232 8.04 2.16 -21.57
C ALA A 232 7.89 3.25 -22.63
N SER A 233 6.66 3.58 -22.99
CA SER A 233 6.40 4.53 -24.08
C SER A 233 6.42 5.98 -23.60
N ASP A 234 6.52 6.88 -24.58
CA ASP A 234 6.49 8.31 -24.26
C ASP A 234 5.15 8.77 -23.70
N GLU A 235 4.07 7.98 -23.86
CA GLU A 235 2.80 8.37 -23.27
C GLU A 235 2.87 8.40 -21.75
N ALA A 236 3.80 7.65 -21.16
CA ALA A 236 3.97 7.55 -19.72
C ALA A 236 5.07 8.48 -19.20
N SER A 237 5.26 9.61 -19.86
CA SER A 237 6.42 10.47 -19.60
C SER A 237 6.40 11.16 -18.24
N TYR A 238 5.28 11.17 -17.53
CA TYR A 238 5.25 11.74 -16.18
C TYR A 238 4.99 10.66 -15.14
N SER A 239 5.22 9.39 -15.49
CA SER A 239 4.98 8.30 -14.54
C SER A 239 6.29 7.59 -14.26
N THR A 240 6.70 7.61 -13.01
CA THR A 240 7.86 6.85 -12.58
C THR A 240 7.61 6.45 -11.13
N GLY A 241 8.04 5.24 -10.79
CA GLY A 241 7.77 4.68 -9.48
C GLY A 241 6.34 4.23 -9.30
N THR A 242 5.64 3.93 -10.38
CA THR A 242 4.24 3.52 -10.30
C THR A 242 4.07 2.09 -10.81
N PHE A 243 2.87 1.60 -10.64
CA PHE A 243 2.54 0.19 -10.84
C PHE A 243 1.25 0.10 -11.62
N ILE A 244 1.23 -0.76 -12.61
CA ILE A 244 -0.03 -1.13 -13.26
C ILE A 244 -0.32 -2.57 -12.85
N ASP A 245 -1.44 -2.76 -12.16
CA ASP A 245 -1.86 -4.12 -11.82
C ASP A 245 -2.60 -4.71 -13.00
N VAL A 246 -2.17 -5.88 -13.44
CA VAL A 246 -2.78 -6.60 -14.56
C VAL A 246 -3.30 -7.93 -14.03
N SER A 247 -4.36 -7.85 -13.23
CA SER A 247 -4.74 -8.97 -12.38
C SER A 247 -6.24 -9.21 -12.35
N GLY A 248 -7.01 -8.57 -13.24
CA GLY A 248 -8.44 -8.77 -13.28
C GLY A 248 -9.16 -8.34 -12.02
N GLY A 249 -8.55 -7.45 -11.24
CA GLY A 249 -9.16 -6.95 -10.03
C GLY A 249 -8.68 -7.66 -8.78
N ARG A 250 -7.84 -8.68 -8.92
CA ARG A 250 -7.31 -9.37 -7.76
C ARG A 250 -6.27 -8.49 -7.13
N HIS B 2 3.65 -19.37 36.50
CA HIS B 2 5.04 -19.66 36.95
C HIS B 2 6.02 -19.79 35.77
N MET B 3 5.55 -20.34 34.66
CA MET B 3 6.41 -20.63 33.51
C MET B 3 6.54 -19.38 32.64
N ARG B 4 7.77 -18.91 32.45
CA ARG B 4 8.00 -17.77 31.56
C ARG B 4 7.80 -18.17 30.12
N ASN B 5 7.18 -17.30 29.33
CA ASN B 5 7.25 -17.45 27.88
C ASN B 5 8.68 -17.16 27.41
N VAL B 6 9.02 -17.74 26.26
CA VAL B 6 10.38 -17.72 25.73
C VAL B 6 10.37 -16.91 24.45
N MET B 7 11.20 -15.88 24.40
CA MET B 7 11.40 -15.05 23.21
C MET B 7 12.81 -15.17 22.66
N LEU B 8 12.92 -15.45 21.36
CA LEU B 8 14.18 -15.40 20.63
C LEU B 8 14.24 -14.07 19.90
N ILE B 9 15.35 -13.33 20.08
CA ILE B 9 15.64 -12.09 19.36
C ILE B 9 16.93 -12.32 18.57
N THR B 10 16.85 -12.24 17.25
CA THR B 10 18.06 -12.33 16.44
C THR B 10 18.73 -10.97 16.37
N GLY B 11 20.05 -10.98 16.20
CA GLY B 11 20.84 -9.76 16.23
C GLY B 11 20.63 -8.94 17.49
N ALA B 12 20.74 -9.60 18.63
CA ALA B 12 20.29 -9.02 19.90
C ALA B 12 21.36 -8.26 20.66
N SER B 13 22.56 -8.12 20.12
CA SER B 13 23.67 -7.63 20.95
C SER B 13 23.64 -6.12 21.17
N ARG B 14 22.99 -5.37 20.29
CA ARG B 14 22.98 -3.90 20.37
C ARG B 14 21.68 -3.39 19.79
N GLY B 15 21.48 -2.07 19.88
CA GLY B 15 20.39 -1.40 19.17
C GLY B 15 19.00 -1.88 19.54
N ILE B 16 18.13 -1.98 18.52
CA ILE B 16 16.75 -2.42 18.72
C ILE B 16 16.72 -3.80 19.34
N GLY B 17 17.61 -4.68 18.89
CA GLY B 17 17.59 -6.05 19.40
C GLY B 17 17.86 -6.11 20.90
N ALA B 18 18.87 -5.35 21.35
CA ALA B 18 19.22 -5.33 22.75
C ALA B 18 18.13 -4.68 23.57
N ALA B 19 17.55 -3.58 23.07
CA ALA B 19 16.47 -2.93 23.80
C ALA B 19 15.26 -3.83 23.91
N THR B 20 14.99 -4.60 22.86
CA THR B 20 13.88 -5.55 22.90
C THR B 20 14.14 -6.65 23.89
N ALA B 21 15.38 -7.15 23.95
CA ALA B 21 15.74 -8.18 24.94
C ALA B 21 15.52 -7.71 26.37
N LEU B 22 15.98 -6.49 26.68
CA LEU B 22 15.84 -5.96 28.03
C LEU B 22 14.38 -5.67 28.35
N LEU B 23 13.64 -5.09 27.41
CA LEU B 23 12.22 -4.85 27.65
C LEU B 23 11.48 -6.17 27.85
N ALA B 24 11.76 -7.18 27.01
CA ALA B 24 11.09 -8.47 27.17
C ALA B 24 11.37 -9.08 28.52
N ALA B 25 12.62 -9.03 28.97
CA ALA B 25 12.95 -9.60 30.28
C ALA B 25 12.23 -8.83 31.38
N GLU B 26 12.21 -7.52 31.28
CA GLU B 26 11.49 -6.70 32.24
C GLU B 26 10.03 -7.11 32.32
N ARG B 27 9.44 -7.51 31.20
CA ARG B 27 8.05 -7.91 31.16
C ARG B 27 7.85 -9.40 31.39
N GLY B 28 8.88 -10.13 31.80
CA GLY B 28 8.73 -11.49 32.29
C GLY B 28 9.20 -12.58 31.36
N TYR B 29 9.63 -12.27 30.14
CA TYR B 29 10.03 -13.32 29.23
C TYR B 29 11.40 -13.88 29.61
N ALA B 30 11.58 -15.18 29.37
CA ALA B 30 12.91 -15.74 29.20
C ALA B 30 13.38 -15.35 27.79
N VAL B 31 14.63 -14.92 27.67
N VAL B 31 14.64 -14.93 27.67
CA VAL B 31 15.10 -14.31 26.42
CA VAL B 31 15.12 -14.33 26.44
C VAL B 31 16.30 -15.08 25.88
C VAL B 31 16.30 -15.12 25.88
N VAL B 32 16.27 -15.34 24.58
CA VAL B 32 17.38 -15.94 23.86
C VAL B 32 17.99 -14.83 23.03
N LEU B 33 19.23 -14.47 23.37
CA LEU B 33 19.98 -13.44 22.66
C LEU B 33 20.85 -14.12 21.61
N ASN B 34 20.42 -14.08 20.35
CA ASN B 34 21.24 -14.55 19.25
C ASN B 34 22.14 -13.41 18.79
N TYR B 35 23.43 -13.69 18.63
CA TYR B 35 24.39 -12.72 18.13
C TYR B 35 25.26 -13.40 17.09
N LEU B 36 25.98 -12.61 16.31
CA LEU B 36 26.95 -13.16 15.35
C LEU B 36 28.37 -12.88 15.86
N ARG B 37 28.79 -11.62 15.89
CA ARG B 37 30.17 -11.29 16.23
C ARG B 37 30.34 -10.78 17.66
N ASN B 38 29.50 -9.84 18.08
CA ASN B 38 29.69 -9.12 19.34
C ASN B 38 29.28 -9.99 20.53
N ARG B 39 30.09 -11.02 20.79
CA ARG B 39 29.83 -11.89 21.94
C ARG B 39 29.88 -11.10 23.24
N GLU B 40 30.84 -10.18 23.36
CA GLU B 40 31.00 -9.44 24.62
C GLU B 40 29.70 -8.72 24.99
N ALA B 41 29.15 -7.97 24.04
CA ALA B 41 27.94 -7.20 24.30
C ALA B 41 26.76 -8.10 24.61
N ALA B 42 26.67 -9.25 23.93
CA ALA B 42 25.56 -10.17 24.18
C ALA B 42 25.69 -10.82 25.55
N GLU B 43 26.91 -11.18 25.94
N GLU B 43 26.91 -11.19 25.95
CA GLU B 43 27.13 -11.82 27.24
CA GLU B 43 27.10 -11.83 27.24
C GLU B 43 26.83 -10.86 28.38
C GLU B 43 26.82 -10.86 28.38
N ALA B 44 27.17 -9.58 28.21
CA ALA B 44 26.87 -8.59 29.24
C ALA B 44 25.37 -8.37 29.39
N LEU B 45 24.63 -8.42 28.28
CA LEU B 45 23.19 -8.32 28.37
C LEU B 45 22.60 -9.53 29.08
N ARG B 46 23.12 -10.72 28.78
N ARG B 46 23.13 -10.71 28.79
CA ARG B 46 22.68 -11.92 29.47
CA ARG B 46 22.69 -11.92 29.47
C ARG B 46 22.93 -11.78 30.98
C ARG B 46 22.94 -11.81 30.98
N GLN B 47 24.14 -11.37 31.35
CA GLN B 47 24.46 -11.19 32.76
C GLN B 47 23.52 -10.19 33.41
N ARG B 48 23.27 -9.06 32.74
CA ARG B 48 22.35 -8.07 33.28
C ARG B 48 20.98 -8.69 33.56
N ILE B 49 20.40 -9.37 32.56
CA ILE B 49 19.07 -9.94 32.73
C ILE B 49 19.07 -10.94 33.88
N GLU B 50 20.15 -11.69 34.03
CA GLU B 50 20.22 -12.66 35.11
C GLU B 50 20.30 -11.97 36.46
N ARG B 51 21.18 -10.97 36.58
CA ARG B 51 21.31 -10.23 37.83
C ARG B 51 19.97 -9.72 38.33
N GLN B 52 19.11 -9.29 37.41
CA GLN B 52 17.80 -8.76 37.76
C GLN B 52 16.76 -9.86 37.94
N GLY B 53 17.21 -11.10 38.04
CA GLY B 53 16.32 -12.21 38.36
C GLY B 53 15.68 -12.89 37.18
N GLY B 54 16.15 -12.64 35.96
CA GLY B 54 15.56 -13.21 34.79
C GLY B 54 16.33 -14.42 34.27
N GLU B 55 15.86 -14.92 33.12
CA GLU B 55 16.47 -16.06 32.44
C GLU B 55 16.87 -15.59 31.05
N ALA B 56 18.10 -15.87 30.66
CA ALA B 56 18.59 -15.47 29.35
C ALA B 56 19.61 -16.49 28.87
N LEU B 57 19.63 -16.69 27.56
CA LEU B 57 20.55 -17.62 26.89
C LEU B 57 21.13 -16.85 25.71
N ALA B 58 22.46 -16.78 25.63
CA ALA B 58 23.15 -16.15 24.50
C ALA B 58 23.68 -17.24 23.57
N VAL B 59 23.39 -17.11 22.28
CA VAL B 59 23.75 -18.12 21.29
C VAL B 59 24.34 -17.46 20.05
N ALA B 60 25.58 -17.83 19.72
CA ALA B 60 26.21 -17.38 18.49
C ALA B 60 25.68 -18.18 17.30
N ALA B 61 25.22 -17.47 16.28
CA ALA B 61 24.72 -18.12 15.09
C ALA B 61 24.56 -17.11 13.98
N ASP B 62 24.99 -17.47 12.79
CA ASP B 62 24.75 -16.68 11.59
C ASP B 62 23.41 -17.10 11.00
N VAL B 63 22.39 -16.24 11.10
CA VAL B 63 21.05 -16.63 10.65
C VAL B 63 20.96 -16.83 9.15
N ALA B 64 21.96 -16.39 8.39
CA ALA B 64 22.02 -16.66 6.97
C ALA B 64 22.33 -18.12 6.65
N GLU B 65 22.79 -18.88 7.64
CA GLU B 65 23.26 -20.23 7.42
C GLU B 65 22.26 -21.21 8.02
N GLU B 66 21.70 -22.08 7.19
CA GLU B 66 20.65 -22.99 7.65
C GLU B 66 21.13 -23.87 8.78
N GLY B 67 22.36 -24.40 8.69
CA GLY B 67 22.83 -25.24 9.79
C GLY B 67 23.01 -24.50 11.09
N ASP B 68 23.43 -23.23 11.02
CA ASP B 68 23.54 -22.41 12.22
C ASP B 68 22.16 -22.18 12.82
N VAL B 69 21.15 -21.96 11.98
CA VAL B 69 19.81 -21.72 12.48
C VAL B 69 19.28 -22.98 13.16
N GLU B 70 19.50 -24.15 12.55
N GLU B 70 19.52 -24.15 12.56
CA GLU B 70 19.05 -25.40 13.17
CA GLU B 70 19.12 -25.39 13.21
C GLU B 70 19.66 -25.55 14.56
C GLU B 70 19.71 -25.50 14.61
N ARG B 71 20.97 -25.24 14.69
N ARG B 71 21.02 -25.24 14.73
CA ARG B 71 21.64 -25.34 15.99
CA ARG B 71 21.68 -25.34 16.02
C ARG B 71 21.14 -24.30 16.98
C ARG B 71 21.18 -24.27 16.99
N LEU B 72 20.87 -23.08 16.48
CA LEU B 72 20.33 -22.06 17.36
C LEU B 72 19.05 -22.51 18.00
N PHE B 73 18.12 -23.03 17.21
CA PHE B 73 16.85 -23.45 17.78
C PHE B 73 16.99 -24.74 18.61
N ALA B 74 17.89 -25.64 18.22
CA ALA B 74 18.17 -26.79 19.07
C ALA B 74 18.67 -26.35 20.44
N SER B 75 19.46 -25.27 20.49
CA SER B 75 19.95 -24.79 21.76
C SER B 75 18.81 -24.27 22.63
N ILE B 76 17.77 -23.70 22.00
CA ILE B 76 16.59 -23.25 22.74
C ILE B 76 15.82 -24.46 23.23
N ASP B 77 15.63 -25.46 22.36
CA ASP B 77 14.99 -26.71 22.77
C ASP B 77 15.65 -27.30 24.00
N GLU B 78 16.99 -27.31 24.02
N GLU B 78 17.00 -27.31 24.04
CA GLU B 78 17.71 -27.94 25.12
CA GLU B 78 17.67 -27.97 25.15
C GLU B 78 17.59 -27.14 26.41
C GLU B 78 17.61 -27.14 26.43
N ARG B 79 17.67 -25.82 26.32
CA ARG B 79 17.64 -24.96 27.50
C ARG B 79 16.23 -24.78 28.08
N PHE B 80 15.22 -24.63 27.22
CA PHE B 80 13.86 -24.26 27.67
C PHE B 80 12.77 -25.20 27.22
N GLY B 81 13.01 -26.03 26.21
CA GLY B 81 12.00 -26.97 25.76
C GLY B 81 10.80 -26.36 25.12
N ARG B 82 10.86 -25.09 24.75
CA ARG B 82 9.68 -24.40 24.22
C ARG B 82 10.11 -23.09 23.60
N LEU B 83 9.19 -22.50 22.82
CA LEU B 83 9.34 -21.19 22.22
C LEU B 83 7.95 -20.55 22.11
N ASP B 84 7.90 -19.24 22.28
CA ASP B 84 6.64 -18.49 22.19
C ASP B 84 6.67 -17.34 21.21
N VAL B 85 7.78 -16.62 21.13
CA VAL B 85 7.89 -15.45 20.26
C VAL B 85 9.24 -15.48 19.55
N LEU B 86 9.22 -15.18 18.25
CA LEU B 86 10.42 -14.87 17.48
C LEU B 86 10.39 -13.41 17.06
N VAL B 87 11.46 -12.69 17.33
CA VAL B 87 11.70 -11.36 16.79
C VAL B 87 12.84 -11.47 15.78
N ASN B 88 12.49 -11.32 14.50
CA ASN B 88 13.44 -11.35 13.39
C ASN B 88 14.03 -9.95 13.26
N ASN B 89 15.06 -9.69 14.07
CA ASN B 89 15.69 -8.37 14.12
C ASN B 89 17.02 -8.32 13.39
N ALA B 90 17.73 -9.44 13.25
CA ALA B 90 19.01 -9.44 12.57
C ALA B 90 18.91 -8.72 11.23
N GLY B 91 19.75 -7.72 11.06
CA GLY B 91 19.78 -6.95 9.85
C GLY B 91 21.21 -6.63 9.47
N MET B 92 21.37 -6.22 8.21
CA MET B 92 22.68 -5.87 7.66
C MET B 92 22.49 -4.68 6.74
N LEU B 93 23.23 -3.61 7.00
CA LEU B 93 23.23 -2.40 6.19
C LEU B 93 24.65 -2.10 5.75
N GLU B 94 24.87 -1.98 4.44
CA GLU B 94 26.20 -1.69 3.91
C GLU B 94 26.29 -0.20 3.55
N ALA B 95 27.41 0.18 2.95
CA ALA B 95 27.70 1.60 2.73
C ALA B 95 26.68 2.26 1.80
N GLN B 96 26.50 3.56 1.97
CA GLN B 96 25.65 4.35 1.06
C GLN B 96 26.18 4.30 -0.35
N THR B 97 25.28 4.03 -1.29
CA THR B 97 25.66 3.72 -2.65
C THR B 97 24.47 3.96 -3.57
N ARG B 98 24.76 4.25 -4.83
N ARG B 98 24.75 4.23 -4.84
CA ARG B 98 23.74 4.19 -5.88
CA ARG B 98 23.73 4.18 -5.87
C ARG B 98 23.65 2.75 -6.40
C ARG B 98 23.66 2.75 -6.43
N LEU B 99 22.51 2.41 -7.02
CA LEU B 99 22.31 1.04 -7.47
C LEU B 99 23.31 0.66 -8.54
N GLU B 100 23.76 1.62 -9.34
CA GLU B 100 24.71 1.26 -10.40
C GLU B 100 26.05 0.80 -9.84
N ASN B 101 26.28 0.97 -8.54
CA ASN B 101 27.50 0.51 -7.89
C ASN B 101 27.29 -0.67 -6.95
N ILE B 102 26.11 -1.26 -6.93
CA ILE B 102 25.84 -2.42 -6.10
C ILE B 102 26.18 -3.67 -6.89
N ASP B 103 27.12 -4.46 -6.38
CA ASP B 103 27.50 -5.67 -7.12
C ASP B 103 26.81 -6.91 -6.53
N ALA B 104 27.00 -8.04 -7.21
CA ALA B 104 26.28 -9.25 -6.83
C ALA B 104 26.69 -9.69 -5.41
N ALA B 105 27.96 -9.54 -5.06
CA ALA B 105 28.39 -9.98 -3.73
C ALA B 105 27.64 -9.22 -2.64
N ARG B 106 27.48 -7.92 -2.84
CA ARG B 106 26.72 -7.13 -1.89
C ARG B 106 25.28 -7.57 -1.84
N LEU B 107 24.65 -7.79 -3.00
CA LEU B 107 23.27 -8.26 -2.96
C LEU B 107 23.14 -9.57 -2.20
N HIS B 108 24.04 -10.52 -2.45
N HIS B 108 24.05 -10.52 -2.44
CA HIS B 108 24.02 -11.79 -1.73
CA HIS B 108 23.97 -11.79 -1.71
C HIS B 108 24.08 -11.55 -0.22
C HIS B 108 24.06 -11.54 -0.20
N ARG B 109 24.98 -10.68 0.23
CA ARG B 109 25.16 -10.47 1.67
C ARG B 109 23.92 -9.84 2.29
N VAL B 110 23.39 -8.81 1.63
CA VAL B 110 22.27 -8.05 2.17
C VAL B 110 21.01 -8.93 2.22
N PHE B 111 20.74 -9.68 1.15
CA PHE B 111 19.56 -10.54 1.20
CA PHE B 111 19.56 -10.55 1.17
C PHE B 111 19.75 -11.73 2.12
N ALA B 112 21.00 -12.21 2.25
CA ALA B 112 21.22 -13.39 3.09
C ALA B 112 20.85 -13.11 4.54
N THR B 113 21.33 -12.00 5.07
CA THR B 113 21.07 -11.73 6.47
CA THR B 113 21.08 -11.68 6.47
C THR B 113 19.67 -11.14 6.68
N ASN B 114 19.28 -10.14 5.87
CA ASN B 114 17.98 -9.49 6.12
C ASN B 114 16.81 -10.41 5.78
N VAL B 115 16.90 -11.17 4.67
CA VAL B 115 15.72 -11.87 4.17
C VAL B 115 15.83 -13.39 4.45
N THR B 116 16.86 -14.04 3.93
CA THR B 116 16.98 -15.48 4.14
C THR B 116 16.97 -15.80 5.63
N GLY B 117 17.73 -15.05 6.41
CA GLY B 117 17.74 -15.28 7.86
C GLY B 117 16.37 -15.23 8.50
N SER B 118 15.56 -14.25 8.09
CA SER B 118 14.22 -14.13 8.64
C SER B 118 13.35 -15.31 8.20
N PHE B 119 13.51 -15.76 6.95
CA PHE B 119 12.75 -16.92 6.52
C PHE B 119 13.14 -18.16 7.31
N LEU B 120 14.43 -18.42 7.44
CA LEU B 120 14.90 -19.63 8.11
C LEU B 120 14.50 -19.65 9.58
N CYS B 121 14.57 -18.50 10.26
CA CYS B 121 14.14 -18.48 11.66
C CYS B 121 12.62 -18.59 11.78
N ALA B 122 11.86 -17.93 10.89
CA ALA B 122 10.42 -18.10 10.91
C ALA B 122 10.04 -19.56 10.69
N ARG B 123 10.78 -20.25 9.84
CA ARG B 123 10.52 -21.64 9.53
C ARG B 123 10.68 -22.51 10.77
N GLU B 124 11.80 -22.32 11.49
CA GLU B 124 12.02 -23.09 12.71
CA GLU B 124 12.02 -23.10 12.71
C GLU B 124 11.03 -22.70 13.79
N ALA B 125 10.60 -21.44 13.83
CA ALA B 125 9.59 -21.03 14.81
C ALA B 125 8.24 -21.67 14.51
N VAL B 126 7.85 -21.69 13.24
CA VAL B 126 6.59 -22.33 12.87
C VAL B 126 6.57 -23.80 13.29
N LYS B 127 7.69 -24.51 13.10
CA LYS B 127 7.75 -25.92 13.45
C LYS B 127 7.55 -26.12 14.94
N ARG B 128 7.80 -25.09 15.76
CA ARG B 128 7.67 -25.23 17.22
C ARG B 128 6.42 -24.59 17.77
N LEU B 129 5.99 -23.51 17.17
CA LEU B 129 4.83 -22.79 17.69
C LEU B 129 3.52 -23.39 17.19
N SER B 130 3.51 -23.98 16.00
CA SER B 130 2.27 -24.32 15.35
C SER B 130 1.51 -25.35 16.17
N THR B 131 0.19 -25.16 16.30
CA THR B 131 -0.62 -26.22 16.92
C THR B 131 -0.62 -27.50 16.08
N ARG B 132 -0.28 -27.41 14.80
N ARG B 132 -0.28 -27.41 14.79
CA ARG B 132 -0.19 -28.62 13.98
CA ARG B 132 -0.19 -28.61 13.97
C ARG B 132 1.08 -29.42 14.22
C ARG B 132 1.05 -29.45 14.30
N HIS B 133 2.04 -28.88 14.98
CA HIS B 133 3.24 -29.61 15.37
C HIS B 133 3.34 -29.76 16.89
N GLY B 134 2.22 -29.70 17.59
CA GLY B 134 2.23 -29.86 19.03
C GLY B 134 2.58 -28.62 19.82
N GLY B 135 2.62 -27.45 19.18
CA GLY B 135 2.82 -26.22 19.90
C GLY B 135 1.54 -25.66 20.43
N ARG B 136 1.68 -24.56 21.18
CA ARG B 136 0.55 -23.85 21.77
C ARG B 136 0.35 -22.48 21.11
N GLY B 137 0.91 -22.28 19.92
CA GLY B 137 0.79 -20.99 19.26
C GLY B 137 1.82 -20.01 19.75
N GLY B 138 1.79 -18.83 19.16
CA GLY B 138 2.71 -17.76 19.53
C GLY B 138 2.67 -16.69 18.47
N SER B 139 3.77 -15.93 18.39
CA SER B 139 3.80 -14.87 17.42
CA SER B 139 3.82 -14.82 17.45
C SER B 139 5.22 -14.66 16.90
N ILE B 140 5.28 -14.10 15.71
CA ILE B 140 6.51 -13.69 15.07
C ILE B 140 6.40 -12.20 14.81
N VAL B 141 7.45 -11.44 15.11
CA VAL B 141 7.49 -10.03 14.77
C VAL B 141 8.74 -9.83 13.92
N ASN B 142 8.53 -9.39 12.68
CA ASN B 142 9.64 -9.06 11.80
C ASN B 142 9.99 -7.59 11.97
N VAL B 143 11.30 -7.29 12.01
CA VAL B 143 11.78 -5.91 12.07
C VAL B 143 12.10 -5.53 10.64
N SER B 144 11.19 -4.77 10.03
CA SER B 144 11.35 -4.24 8.69
C SER B 144 11.95 -2.85 8.74
N SER B 145 11.51 -1.94 7.88
CA SER B 145 12.03 -0.58 7.89
C SER B 145 11.16 0.30 6.98
N MET B 146 11.11 1.60 7.27
CA MET B 146 10.40 2.47 6.34
C MET B 146 11.05 2.45 4.96
N ALA B 147 12.31 2.01 4.87
CA ALA B 147 12.95 1.85 3.56
C ALA B 147 12.11 1.02 2.59
N SER B 148 11.32 0.06 3.10
CA SER B 148 10.53 -0.75 2.17
C SER B 148 9.55 0.12 1.37
N ARG B 149 9.09 1.22 1.95
CA ARG B 149 8.10 2.10 1.34
C ARG B 149 8.75 3.27 0.62
N LEU B 150 9.88 3.73 1.12
CA LEU B 150 10.52 4.93 0.59
C LEU B 150 11.59 4.62 -0.46
N GLY B 151 12.18 3.43 -0.40
CA GLY B 151 13.08 2.99 -1.45
C GLY B 151 14.56 3.26 -1.25
N SER B 152 14.93 4.06 -0.23
CA SER B 152 16.32 4.40 0.06
C SER B 152 17.11 4.83 -1.17
N PRO B 153 16.57 5.75 -1.99
CA PRO B 153 17.32 6.21 -3.15
C PRO B 153 18.60 6.92 -2.73
N ASN B 154 19.66 6.68 -3.50
CA ASN B 154 21.00 7.24 -3.30
CA ASN B 154 20.99 7.25 -3.30
C ASN B 154 21.66 6.75 -2.03
N GLU B 155 21.13 5.68 -1.43
CA GLU B 155 21.69 5.16 -0.19
C GLU B 155 21.83 3.65 -0.22
N TYR B 156 20.71 2.96 -0.32
CA TYR B 156 20.78 1.49 -0.30
C TYR B 156 19.47 0.87 -0.78
N ILE B 157 19.23 0.99 -2.09
CA ILE B 157 18.04 0.35 -2.65
C ILE B 157 18.04 -1.14 -2.41
N ASP B 158 19.22 -1.77 -2.28
CA ASP B 158 19.27 -3.19 -1.96
C ASP B 158 18.63 -3.48 -0.61
N TYR B 159 18.93 -2.66 0.41
CA TYR B 159 18.32 -2.81 1.72
C TYR B 159 16.82 -2.51 1.66
N ALA B 160 16.41 -1.48 0.92
CA ALA B 160 14.97 -1.23 0.76
C ALA B 160 14.26 -2.44 0.17
N ALA B 161 14.87 -3.07 -0.81
CA ALA B 161 14.28 -4.24 -1.43
C ALA B 161 14.22 -5.42 -0.47
N ALA B 162 15.27 -5.63 0.32
CA ALA B 162 15.23 -6.64 1.36
C ALA B 162 14.06 -6.42 2.31
N LYS B 163 13.81 -5.17 2.69
CA LYS B 163 12.72 -4.97 3.64
C LYS B 163 11.35 -5.04 2.93
N GLY B 164 11.28 -4.75 1.63
CA GLY B 164 10.05 -5.03 0.91
C GLY B 164 9.76 -6.52 0.88
N ALA B 165 10.81 -7.33 0.78
CA ALA B 165 10.63 -8.78 0.85
C ALA B 165 10.07 -9.18 2.22
N ILE B 166 10.60 -8.58 3.28
CA ILE B 166 10.10 -8.87 4.62
C ILE B 166 8.63 -8.51 4.76
N ASP B 167 8.23 -7.35 4.22
CA ASP B 167 6.83 -6.96 4.36
C ASP B 167 5.94 -7.98 3.66
N SER B 168 6.34 -8.44 2.46
CA SER B 168 5.52 -9.41 1.74
C SER B 168 5.49 -10.74 2.46
N MET B 169 6.63 -11.13 3.05
CA MET B 169 6.65 -12.36 3.83
C MET B 169 5.76 -12.25 5.06
N THR B 170 5.73 -11.06 5.66
CA THR B 170 4.87 -10.85 6.82
C THR B 170 3.41 -11.11 6.45
N ILE B 171 2.95 -10.53 5.35
CA ILE B 171 1.57 -10.69 4.88
C ILE B 171 1.29 -12.15 4.55
N GLY B 172 2.17 -12.75 3.76
CA GLY B 172 1.92 -14.12 3.34
C GLY B 172 1.96 -15.12 4.48
N LEU B 173 2.98 -15.02 5.33
CA LEU B 173 3.05 -15.96 6.43
C LEU B 173 1.87 -15.76 7.40
N ALA B 174 1.51 -14.53 7.70
CA ALA B 174 0.35 -14.31 8.54
C ALA B 174 -0.86 -15.08 8.03
N ARG B 175 -1.12 -15.01 6.73
CA ARG B 175 -2.27 -15.69 6.17
C ARG B 175 -2.10 -17.18 6.22
N GLU B 176 -0.87 -17.64 6.07
CA GLU B 176 -0.65 -19.07 5.96
C GLU B 176 -0.80 -19.78 7.30
N VAL B 177 -0.35 -19.15 8.40
CA VAL B 177 -0.30 -19.86 9.69
C VAL B 177 -1.31 -19.31 10.70
N ALA B 178 -2.20 -18.43 10.27
CA ALA B 178 -3.24 -17.93 11.15
C ALA B 178 -4.00 -19.07 11.82
N ALA B 179 -4.35 -20.09 11.06
CA ALA B 179 -5.19 -21.17 11.58
C ALA B 179 -4.45 -22.13 12.50
N GLU B 180 -3.14 -21.98 12.68
CA GLU B 180 -2.41 -22.84 13.59
C GLU B 180 -1.86 -22.06 14.78
N GLY B 181 -2.47 -20.91 15.06
CA GLY B 181 -2.25 -20.21 16.30
C GLY B 181 -1.06 -19.28 16.31
N ILE B 182 -0.52 -18.92 15.14
CA ILE B 182 0.64 -18.05 15.03
C ILE B 182 0.21 -16.75 14.38
N ARG B 183 0.46 -15.63 15.07
CA ARG B 183 0.29 -14.31 14.49
C ARG B 183 1.65 -13.85 13.99
N VAL B 184 1.65 -13.11 12.86
CA VAL B 184 2.86 -12.62 12.23
C VAL B 184 2.63 -11.16 11.87
N ASN B 185 3.48 -10.28 12.40
CA ASN B 185 3.36 -8.84 12.22
C ASN B 185 4.74 -8.26 12.04
N ALA B 186 4.79 -6.96 11.72
CA ALA B 186 6.07 -6.31 11.54
C ALA B 186 6.03 -4.89 12.10
N VAL B 187 7.22 -4.41 12.50
CA VAL B 187 7.44 -3.01 12.79
C VAL B 187 8.29 -2.41 11.68
N ARG B 188 8.01 -1.15 11.35
CA ARG B 188 8.81 -0.42 10.37
C ARG B 188 9.45 0.79 11.04
N PRO B 189 10.63 0.61 11.63
CA PRO B 189 11.37 1.78 12.12
C PRO B 189 11.79 2.72 11.01
N GLY B 190 11.80 4.03 11.32
CA GLY B 190 12.45 4.98 10.44
C GLY B 190 13.90 5.18 10.81
N LEU B 191 14.29 6.45 10.96
CA LEU B 191 15.61 6.82 11.41
C LEU B 191 15.66 6.70 12.92
N ILE B 192 16.55 5.86 13.40
CA ILE B 192 16.71 5.58 14.83
C ILE B 192 17.96 6.33 15.30
N ASP B 193 17.80 7.17 16.34
CA ASP B 193 18.65 8.34 16.53
C ASP B 193 20.15 8.03 16.50
N THR B 194 20.52 6.79 16.73
CA THR B 194 21.90 6.34 16.56
C THR B 194 22.17 5.98 15.09
N GLU B 207 20.90 17.62 10.29
CA GLU B 207 19.80 18.56 10.17
C GLU B 207 18.97 18.30 8.91
N ARG B 208 19.64 17.88 7.84
CA ARG B 208 18.92 17.55 6.60
C ARG B 208 18.05 16.32 6.78
N LEU B 209 18.53 15.33 7.54
CA LEU B 209 17.77 14.09 7.72
C LEU B 209 16.60 14.26 8.67
N LYS B 210 16.79 15.00 9.76
CA LYS B 210 15.69 15.27 10.68
C LYS B 210 14.58 16.07 10.02
N GLY B 211 14.91 16.91 9.04
CA GLY B 211 13.90 17.69 8.36
C GLY B 211 12.94 16.84 7.57
N GLY B 212 13.37 15.65 7.18
CA GLY B 212 12.48 14.71 6.56
C GLY B 212 11.77 13.84 7.55
N ILE B 213 11.82 14.19 8.84
CA ILE B 213 11.06 13.50 9.87
C ILE B 213 10.08 14.49 10.47
N PRO B 214 8.78 14.32 10.26
CA PRO B 214 7.80 15.29 10.82
C PRO B 214 7.92 15.54 12.32
N LEU B 215 8.20 14.51 13.13
CA LEU B 215 8.35 14.73 14.56
C LEU B 215 9.64 15.43 14.93
N GLY B 216 10.62 15.52 14.03
CA GLY B 216 11.76 16.37 14.26
C GLY B 216 12.92 15.73 15.01
N ARG B 217 12.90 14.41 15.17
CA ARG B 217 14.00 13.72 15.82
C ARG B 217 14.06 12.29 15.31
N GLY B 218 15.19 11.63 15.52
CA GLY B 218 15.25 10.19 15.38
C GLY B 218 14.50 9.48 16.50
N GLY B 219 14.13 8.23 16.20
CA GLY B 219 13.52 7.41 17.21
C GLY B 219 14.58 6.73 18.07
N THR B 220 14.11 6.14 19.17
CA THR B 220 15.01 5.37 20.03
C THR B 220 14.76 3.88 19.86
N ALA B 221 15.81 3.11 20.16
CA ALA B 221 15.68 1.65 20.13
C ALA B 221 14.59 1.19 21.08
N GLU B 222 14.42 1.89 22.21
CA GLU B 222 13.37 1.54 23.16
C GLU B 222 11.98 1.76 22.58
N GLU B 223 11.80 2.83 21.78
CA GLU B 223 10.50 3.04 21.14
C GLU B 223 10.17 1.87 20.20
N VAL B 224 11.15 1.41 19.42
CA VAL B 224 10.87 0.28 18.53
C VAL B 224 10.54 -0.95 19.35
N ALA B 225 11.34 -1.19 20.40
CA ALA B 225 11.10 -2.34 21.28
C ALA B 225 9.69 -2.39 21.81
N ARG B 226 9.14 -1.24 22.20
CA ARG B 226 7.82 -1.21 22.80
C ARG B 226 6.76 -1.64 21.81
N ALA B 227 6.91 -1.24 20.53
CA ALA B 227 6.01 -1.70 19.48
C ALA B 227 6.15 -3.19 19.22
N ILE B 228 7.37 -3.71 19.21
CA ILE B 228 7.58 -5.14 19.01
C ILE B 228 6.91 -5.92 20.13
N LEU B 229 7.10 -5.47 21.37
CA LEU B 229 6.50 -6.19 22.48
C LEU B 229 4.99 -6.15 22.45
N TRP B 230 4.39 -5.02 22.06
CA TRP B 230 2.95 -4.97 21.96
C TRP B 230 2.42 -5.98 20.96
N LEU B 231 3.05 -6.02 19.77
CA LEU B 231 2.58 -6.95 18.74
C LEU B 231 2.73 -8.41 19.16
N ALA B 232 3.74 -8.72 19.98
CA ALA B 232 3.93 -10.06 20.52
C ALA B 232 2.99 -10.38 21.67
N SER B 233 2.35 -9.38 22.21
CA SER B 233 1.54 -9.52 23.42
C SER B 233 0.12 -9.94 23.10
N ASP B 234 -0.56 -10.45 24.13
CA ASP B 234 -1.96 -10.81 23.98
C ASP B 234 -2.86 -9.63 23.69
N GLU B 235 -2.40 -8.39 23.93
N GLU B 235 -2.39 -8.39 23.93
CA GLU B 235 -3.24 -7.24 23.58
CA GLU B 235 -3.19 -7.23 23.59
C GLU B 235 -3.52 -7.20 22.08
C GLU B 235 -3.49 -7.18 22.09
N ALA B 236 -2.61 -7.75 21.27
CA ALA B 236 -2.74 -7.69 19.82
C ALA B 236 -3.33 -8.99 19.26
N SER B 237 -4.25 -9.60 20.01
CA SER B 237 -4.71 -10.94 19.72
C SER B 237 -5.52 -11.02 18.44
N TYR B 238 -5.98 -9.89 17.90
CA TYR B 238 -6.72 -9.91 16.65
C TYR B 238 -5.98 -9.18 15.54
N SER B 239 -4.67 -9.00 15.69
CA SER B 239 -3.85 -8.35 14.66
C SER B 239 -2.87 -9.37 14.11
N THR B 240 -2.94 -9.62 12.81
CA THR B 240 -1.93 -10.47 12.15
C THR B 240 -1.83 -9.95 10.72
N GLY B 241 -0.61 -9.92 10.21
CA GLY B 241 -0.43 -9.36 8.90
C GLY B 241 -0.41 -7.85 8.90
N THR B 242 -0.18 -7.24 10.04
CA THR B 242 -0.22 -5.79 10.11
C THR B 242 1.15 -5.22 10.45
N PHE B 243 1.25 -3.90 10.32
CA PHE B 243 2.50 -3.17 10.41
C PHE B 243 2.31 -2.02 11.39
N ILE B 244 3.25 -1.83 12.30
CA ILE B 244 3.31 -0.60 13.10
C ILE B 244 4.53 0.17 12.60
N ASP B 245 4.30 1.35 12.04
CA ASP B 245 5.41 2.19 11.61
C ASP B 245 5.89 2.97 12.82
N VAL B 246 7.20 2.94 13.06
CA VAL B 246 7.81 3.64 14.20
C VAL B 246 8.80 4.61 13.59
N SER B 247 8.27 5.70 13.02
CA SER B 247 9.04 6.49 12.06
C SER B 247 8.86 7.98 12.27
N GLY B 248 8.17 8.41 13.32
CA GLY B 248 7.97 9.84 13.50
C GLY B 248 7.20 10.53 12.40
N GLY B 249 6.41 9.79 11.63
CA GLY B 249 5.62 10.32 10.54
C GLY B 249 6.27 10.25 9.20
N ARG B 250 7.49 9.73 9.14
CA ARG B 250 8.21 9.51 7.90
C ARG B 250 7.62 8.31 7.20
N ARG C 4 -4.61 13.91 36.07
CA ARG C 4 -5.34 12.85 35.36
C ARG C 4 -5.71 13.29 33.93
N ASN C 5 -5.33 12.47 32.95
CA ASN C 5 -5.59 12.83 31.56
C ASN C 5 -7.06 12.63 31.19
N VAL C 6 -7.49 13.37 30.18
CA VAL C 6 -8.88 13.37 29.74
C VAL C 6 -8.94 12.83 28.30
N MET C 7 -9.86 11.90 28.07
CA MET C 7 -10.05 11.29 26.76
C MET C 7 -11.50 11.49 26.35
N LEU C 8 -11.71 12.10 25.19
CA LEU C 8 -13.03 12.20 24.60
C LEU C 8 -13.16 11.05 23.62
N ILE C 9 -14.28 10.33 23.69
CA ILE C 9 -14.61 9.26 22.76
C ILE C 9 -15.97 9.62 22.17
N THR C 10 -16.02 9.80 20.86
CA THR C 10 -17.29 10.08 20.19
C THR C 10 -18.00 8.76 19.87
N GLY C 11 -19.33 8.82 19.81
CA GLY C 11 -20.12 7.61 19.65
C GLY C 11 -19.77 6.56 20.69
N ALA C 12 -19.76 6.95 21.96
CA ALA C 12 -19.19 6.11 23.02
C ALA C 12 -20.22 5.22 23.71
N SER C 13 -21.46 5.19 23.24
CA SER C 13 -22.51 4.56 24.05
C SER C 13 -22.50 3.04 23.96
N ARG C 14 -21.95 2.47 22.88
CA ARG C 14 -21.98 1.03 22.67
C ARG C 14 -20.70 0.58 21.92
N GLY C 15 -20.56 -0.73 21.78
CA GLY C 15 -19.55 -1.24 20.84
C GLY C 15 -18.14 -0.80 21.15
N ILE C 16 -17.38 -0.51 20.08
CA ILE C 16 -15.97 -0.14 20.26
C ILE C 16 -15.85 1.09 21.14
N GLY C 17 -16.74 2.07 20.94
CA GLY C 17 -16.68 3.28 21.76
C GLY C 17 -16.82 2.98 23.25
N ALA C 18 -17.81 2.15 23.61
CA ALA C 18 -18.00 1.81 25.02
C ALA C 18 -16.82 1.05 25.59
N ALA C 19 -16.33 0.07 24.84
CA ALA C 19 -15.21 -0.71 25.33
C ALA C 19 -13.97 0.16 25.51
N THR C 20 -13.76 1.14 24.62
CA THR C 20 -12.64 2.06 24.78
C THR C 20 -12.81 2.93 26.01
N ALA C 21 -14.03 3.44 26.25
CA ALA C 21 -14.29 4.23 27.44
C ALA C 21 -14.01 3.47 28.73
N LEU C 22 -14.48 2.21 28.82
CA LEU C 22 -14.23 1.44 30.03
C LEU C 22 -12.74 1.16 30.21
N LEU C 23 -12.05 0.78 29.13
CA LEU C 23 -10.63 0.46 29.26
C LEU C 23 -9.84 1.71 29.62
N ALA C 24 -10.18 2.85 29.01
CA ALA C 24 -9.49 4.10 29.33
C ALA C 24 -9.67 4.46 30.80
N ALA C 25 -10.89 4.32 31.32
CA ALA C 25 -11.13 4.61 32.72
C ALA C 25 -10.35 3.64 33.61
N GLU C 26 -10.30 2.37 33.22
CA GLU C 26 -9.55 1.39 33.98
C GLU C 26 -8.08 1.77 34.05
N ARG C 27 -7.58 2.42 33.00
CA ARG C 27 -6.18 2.83 32.92
C ARG C 27 -5.94 4.24 33.41
N GLY C 28 -6.94 4.85 34.04
CA GLY C 28 -6.75 6.09 34.77
C GLY C 28 -7.26 7.34 34.10
N TYR C 29 -7.74 7.26 32.88
CA TYR C 29 -8.26 8.45 32.22
C TYR C 29 -9.60 8.87 32.79
N ALA C 30 -9.82 10.17 32.90
CA ALA C 30 -11.17 10.70 32.91
C ALA C 30 -11.74 10.67 31.50
N VAL C 31 -13.00 10.28 31.37
CA VAL C 31 -13.57 9.94 30.07
C VAL C 31 -14.79 10.80 29.79
N VAL C 32 -14.83 11.38 28.60
CA VAL C 32 -15.98 12.08 28.06
C VAL C 32 -16.66 11.15 27.07
N LEU C 33 -17.88 10.74 27.40
CA LEU C 33 -18.68 9.83 26.60
C LEU C 33 -19.64 10.69 25.79
N ASN C 34 -19.28 10.97 24.55
CA ASN C 34 -20.22 11.60 23.62
C ASN C 34 -21.15 10.55 23.03
N TYR C 35 -22.44 10.85 23.05
CA TYR C 35 -23.44 10.00 22.43
C TYR C 35 -24.36 10.85 21.57
N LEU C 36 -25.06 10.20 20.66
CA LEU C 36 -25.97 10.88 19.75
C LEU C 36 -27.37 10.79 20.36
N ARG C 37 -27.92 9.59 20.42
CA ARG C 37 -29.27 9.35 20.92
C ARG C 37 -29.32 8.47 22.16
N ASN C 38 -28.53 7.40 22.22
CA ASN C 38 -28.63 6.43 23.32
C ASN C 38 -28.20 7.00 24.67
N ARG C 39 -28.97 7.95 25.22
CA ARG C 39 -28.59 8.54 26.49
C ARG C 39 -28.54 7.49 27.59
N GLU C 40 -29.48 6.55 27.58
CA GLU C 40 -29.56 5.53 28.63
C GLU C 40 -28.27 4.72 28.69
N ALA C 41 -27.80 4.23 27.54
CA ALA C 41 -26.58 3.42 27.54
C ALA C 41 -25.38 4.23 27.99
N ALA C 42 -25.25 5.47 27.51
CA ALA C 42 -24.12 6.31 27.91
C ALA C 42 -24.16 6.65 29.40
N GLU C 43 -25.34 6.96 29.96
CA GLU C 43 -25.39 7.28 31.38
C GLU C 43 -25.07 6.06 32.23
N ALA C 44 -25.50 4.88 31.79
CA ALA C 44 -25.12 3.65 32.47
C ALA C 44 -23.61 3.46 32.49
N LEU C 45 -22.93 3.77 31.38
CA LEU C 45 -21.47 3.66 31.37
C LEU C 45 -20.85 4.64 32.36
N ARG C 46 -21.29 5.90 32.33
CA ARG C 46 -20.81 6.88 33.29
C ARG C 46 -20.98 6.36 34.71
N GLN C 47 -22.18 5.87 35.05
CA GLN C 47 -22.42 5.39 36.41
C GLN C 47 -21.46 4.28 36.76
N ARG C 48 -21.28 3.33 35.84
CA ARG C 48 -20.34 2.24 36.08
C ARG C 48 -18.93 2.76 36.30
N ILE C 49 -18.47 3.70 35.46
CA ILE C 49 -17.11 4.21 35.66
C ILE C 49 -17.02 4.93 37.01
N GLU C 50 -18.01 5.73 37.34
CA GLU C 50 -17.99 6.46 38.62
C GLU C 50 -17.96 5.48 39.79
N ARG C 51 -18.83 4.46 39.75
CA ARG C 51 -18.88 3.49 40.84
C ARG C 51 -17.51 2.88 41.11
N GLN C 52 -16.72 2.67 40.06
CA GLN C 52 -15.42 2.03 40.18
C GLN C 52 -14.30 3.01 40.49
N GLY C 53 -14.64 4.21 40.93
CA GLY C 53 -13.65 5.19 41.35
C GLY C 53 -13.27 6.20 40.30
N GLY C 54 -13.91 6.17 39.13
CA GLY C 54 -13.47 6.96 38.01
C GLY C 54 -14.27 8.23 37.82
N GLU C 55 -13.84 8.99 36.82
CA GLU C 55 -14.46 10.25 36.44
C GLU C 55 -14.97 10.14 35.01
N ALA C 56 -16.23 10.48 34.79
CA ALA C 56 -16.81 10.40 33.47
C ALA C 56 -17.86 11.49 33.30
N LEU C 57 -18.00 11.94 32.06
CA LEU C 57 -18.93 12.99 31.68
C LEU C 57 -19.65 12.53 30.43
N ALA C 58 -20.98 12.47 30.46
CA ALA C 58 -21.76 12.11 29.29
C ALA C 58 -22.29 13.38 28.64
N VAL C 59 -22.14 13.48 27.32
CA VAL C 59 -22.54 14.68 26.61
C VAL C 59 -23.21 14.26 25.31
N ALA C 60 -24.46 14.68 25.14
CA ALA C 60 -25.19 14.51 23.90
C ALA C 60 -24.70 15.53 22.88
N ALA C 61 -24.37 15.06 21.67
CA ALA C 61 -23.94 15.95 20.63
C ALA C 61 -23.83 15.18 19.32
N ASP C 62 -24.27 15.80 18.26
CA ASP C 62 -24.19 15.24 16.91
C ASP C 62 -22.92 15.79 16.25
N VAL C 63 -21.90 14.94 16.10
CA VAL C 63 -20.62 15.44 15.61
C VAL C 63 -20.68 15.93 14.18
N ALA C 64 -21.73 15.61 13.44
CA ALA C 64 -21.86 16.19 12.11
C ALA C 64 -22.26 17.66 12.14
N GLU C 65 -22.65 18.19 13.28
CA GLU C 65 -23.17 19.55 13.39
C GLU C 65 -22.15 20.42 14.12
N GLU C 66 -21.67 21.45 13.44
CA GLU C 66 -20.58 22.27 13.96
C GLU C 66 -20.96 22.86 15.33
N GLY C 67 -22.20 23.32 15.46
CA GLY C 67 -22.62 23.90 16.72
C GLY C 67 -22.61 22.92 17.87
N ASP C 68 -22.98 21.66 17.59
CA ASP C 68 -22.92 20.62 18.62
C ASP C 68 -21.47 20.35 19.01
N VAL C 69 -20.57 20.33 18.02
CA VAL C 69 -19.16 20.05 18.30
C VAL C 69 -18.57 21.12 19.21
N GLU C 70 -18.80 22.39 18.88
N GLU C 70 -18.84 22.39 18.90
CA GLU C 70 -18.26 23.46 19.70
CA GLU C 70 -18.39 23.48 19.76
C GLU C 70 -18.80 23.38 21.13
C GLU C 70 -18.89 23.27 21.18
N ARG C 71 -20.08 23.05 21.27
N ARG C 71 -20.20 23.06 21.33
CA ARG C 71 -20.67 22.86 22.60
CA ARG C 71 -20.78 22.80 22.65
C ARG C 71 -20.08 21.63 23.29
C ARG C 71 -20.13 21.60 23.31
N LEU C 72 -19.91 20.52 22.57
CA LEU C 72 -19.31 19.33 23.16
C LEU C 72 -17.97 19.67 23.78
N PHE C 73 -17.12 20.40 23.06
CA PHE C 73 -15.79 20.69 23.59
C PHE C 73 -15.87 21.75 24.70
N ALA C 74 -16.79 22.71 24.56
CA ALA C 74 -17.00 23.68 25.64
C ALA C 74 -17.37 22.99 26.94
N SER C 75 -18.14 21.91 26.85
CA SER C 75 -18.48 21.16 28.06
C SER C 75 -17.25 20.50 28.68
N ILE C 76 -16.33 20.00 27.85
CA ILE C 76 -15.11 19.41 28.39
C ILE C 76 -14.25 20.47 29.06
N ASP C 77 -14.13 21.64 28.43
CA ASP C 77 -13.42 22.74 29.04
C ASP C 77 -13.97 23.03 30.43
N GLU C 78 -15.30 23.07 30.54
CA GLU C 78 -15.91 23.49 31.81
C GLU C 78 -15.75 22.42 32.87
N ARG C 79 -15.92 21.14 32.51
CA ARG C 79 -15.87 20.09 33.52
C ARG C 79 -14.44 19.77 33.92
N PHE C 80 -13.55 19.60 32.94
CA PHE C 80 -12.22 19.10 33.22
C PHE C 80 -11.12 20.13 32.99
N GLY C 81 -11.38 21.12 32.16
CA GLY C 81 -10.37 22.13 31.89
C GLY C 81 -9.13 21.65 31.18
N ARG C 82 -9.19 20.49 30.54
CA ARG C 82 -8.07 19.99 29.76
C ARG C 82 -8.59 18.90 28.84
N LEU C 83 -7.78 18.56 27.85
CA LEU C 83 -8.05 17.46 26.92
C LEU C 83 -6.72 16.86 26.51
N ASP C 84 -6.66 15.53 26.44
CA ASP C 84 -5.38 14.90 26.13
C ASP C 84 -5.49 13.96 24.93
N VAL C 85 -6.63 13.29 24.78
CA VAL C 85 -6.83 12.30 23.71
C VAL C 85 -8.20 12.49 23.11
N LEU C 86 -8.28 12.44 21.79
CA LEU C 86 -9.53 12.36 21.06
C LEU C 86 -9.58 11.02 20.36
N VAL C 87 -10.66 10.26 20.57
CA VAL C 87 -10.94 9.03 19.83
C VAL C 87 -12.13 9.30 18.92
N ASN C 88 -11.87 9.44 17.62
CA ASN C 88 -12.92 9.67 16.63
C ASN C 88 -13.56 8.34 16.29
N ASN C 89 -14.52 7.94 17.10
CA ASN C 89 -15.13 6.63 16.92
C ASN C 89 -16.52 6.71 16.29
N ALA C 90 -17.22 7.82 16.45
CA ALA C 90 -18.57 7.92 15.92
C ALA C 90 -18.55 7.58 14.44
N GLY C 91 -19.48 6.72 14.03
CA GLY C 91 -19.57 6.32 12.65
C GLY C 91 -21.03 6.09 12.31
N MET C 92 -21.26 5.77 11.04
CA MET C 92 -22.61 5.52 10.57
C MET C 92 -22.54 4.55 9.40
N LEU C 93 -23.44 3.57 9.41
CA LEU C 93 -23.49 2.52 8.42
C LEU C 93 -24.95 2.35 8.03
N GLU C 94 -25.25 2.34 6.73
CA GLU C 94 -26.61 2.13 6.24
C GLU C 94 -26.70 0.74 5.60
N ALA C 95 -27.88 0.41 5.08
CA ALA C 95 -28.16 -0.96 4.68
C ALA C 95 -27.27 -1.41 3.52
N GLN C 96 -27.04 -2.72 3.46
CA GLN C 96 -26.26 -3.28 2.35
C GLN C 96 -26.92 -2.95 1.02
N THR C 97 -26.10 -2.53 0.05
CA THR C 97 -26.59 -1.97 -1.21
C THR C 97 -25.47 -2.06 -2.23
N ARG C 98 -25.85 -2.08 -3.52
CA ARG C 98 -24.94 -1.81 -4.62
C ARG C 98 -24.83 -0.30 -4.82
N LEU C 99 -23.72 0.14 -5.43
CA LEU C 99 -23.52 1.56 -5.58
C LEU C 99 -24.60 2.18 -6.47
N GLU C 100 -25.10 1.45 -7.46
CA GLU C 100 -26.12 2.06 -8.30
C GLU C 100 -27.40 2.42 -7.54
N ASN C 101 -27.55 2.00 -6.28
CA ASN C 101 -28.73 2.35 -5.48
C ASN C 101 -28.40 3.28 -4.32
N ILE C 102 -27.22 3.90 -4.34
CA ILE C 102 -26.84 4.86 -3.31
C ILE C 102 -27.18 6.24 -3.84
N ASP C 103 -28.07 6.96 -3.15
CA ASP C 103 -28.47 8.29 -3.61
C ASP C 103 -27.72 9.36 -2.83
N ALA C 104 -27.89 10.63 -3.25
CA ALA C 104 -27.14 11.73 -2.67
C ALA C 104 -27.44 11.91 -1.18
N ALA C 105 -28.68 11.67 -0.77
CA ALA C 105 -29.02 11.85 0.64
C ALA C 105 -28.25 10.86 1.52
N ARG C 106 -28.15 9.60 1.09
CA ARG C 106 -27.37 8.63 1.84
C ARG C 106 -25.91 9.05 1.89
N LEU C 107 -25.36 9.47 0.74
CA LEU C 107 -23.97 9.90 0.75
C LEU C 107 -23.76 11.02 1.76
N HIS C 108 -24.71 11.95 1.83
CA HIS C 108 -24.52 13.08 2.73
C HIS C 108 -24.51 12.61 4.18
N ARG C 109 -25.47 11.76 4.55
CA ARG C 109 -25.54 11.27 5.91
C ARG C 109 -24.26 10.52 6.28
N VAL C 110 -23.84 9.62 5.41
CA VAL C 110 -22.71 8.76 5.72
C VAL C 110 -21.43 9.59 5.84
N PHE C 111 -21.23 10.54 4.94
CA PHE C 111 -20.02 11.35 5.05
C PHE C 111 -20.10 12.36 6.17
N ALA C 112 -21.28 12.92 6.42
CA ALA C 112 -21.37 13.94 7.47
C ALA C 112 -20.92 13.37 8.81
N THR C 113 -21.42 12.20 9.16
CA THR C 113 -21.08 11.63 10.45
C THR C 113 -19.68 11.01 10.43
N ASN C 114 -19.37 10.19 9.41
CA ASN C 114 -18.11 9.46 9.46
C ASN C 114 -16.92 10.40 9.22
N VAL C 115 -17.04 11.37 8.35
CA VAL C 115 -15.91 12.18 7.87
C VAL C 115 -15.94 13.57 8.45
N THR C 116 -16.99 14.35 8.15
CA THR C 116 -17.10 15.68 8.73
C THR C 116 -17.00 15.65 10.25
N GLY C 117 -17.69 14.71 10.91
CA GLY C 117 -17.61 14.64 12.37
C GLY C 117 -16.19 14.48 12.87
N SER C 118 -15.42 13.60 12.24
CA SER C 118 -14.03 13.42 12.66
C SER C 118 -13.17 14.63 12.35
N PHE C 119 -13.38 15.29 11.20
CA PHE C 119 -12.67 16.55 10.92
C PHE C 119 -12.96 17.58 12.00
N LEU C 120 -14.25 17.79 12.29
CA LEU C 120 -14.66 18.85 13.21
C LEU C 120 -14.14 18.62 14.61
N CYS C 121 -14.14 17.36 15.06
CA CYS C 121 -13.59 17.06 16.39
C CYS C 121 -12.08 17.16 16.39
N ALA C 122 -11.41 16.70 15.34
CA ALA C 122 -9.96 16.84 15.28
C ALA C 122 -9.56 18.31 15.30
N ARG C 123 -10.34 19.16 14.63
CA ARG C 123 -10.08 20.59 14.63
C ARG C 123 -10.17 21.17 16.04
N GLU C 124 -11.23 20.84 16.78
CA GLU C 124 -11.32 21.36 18.14
C GLU C 124 -10.20 20.79 19.01
N ALA C 125 -9.78 19.55 18.74
CA ALA C 125 -8.69 18.97 19.51
C ALA C 125 -7.39 19.70 19.22
N VAL C 126 -7.08 19.97 17.93
CA VAL C 126 -5.83 20.64 17.61
C VAL C 126 -5.76 21.99 18.29
N LYS C 127 -6.89 22.68 18.36
CA LYS C 127 -6.95 24.03 18.91
C LYS C 127 -6.63 24.04 20.40
N ARG C 128 -6.79 22.89 21.07
CA ARG C 128 -6.49 22.72 22.49
C ARG C 128 -5.16 22.05 22.76
N LEU C 129 -4.83 20.98 22.02
CA LEU C 129 -3.62 20.22 22.31
C LEU C 129 -2.34 20.88 21.77
N SER C 130 -2.45 21.58 20.66
CA SER C 130 -1.25 22.06 19.98
C SER C 130 -0.43 22.97 20.89
N THR C 131 0.90 22.76 20.92
CA THR C 131 1.73 23.74 21.63
C THR C 131 1.70 25.12 20.96
N ARG C 132 1.29 25.20 19.69
CA ARG C 132 1.11 26.51 19.09
C ARG C 132 -0.03 27.29 19.74
N HIS C 133 -0.97 26.58 20.37
CA HIS C 133 -2.10 27.19 21.07
C HIS C 133 -1.94 27.00 22.58
N GLY C 134 -0.71 26.78 23.04
CA GLY C 134 -0.46 26.72 24.46
C GLY C 134 -0.94 25.47 25.14
N GLY C 135 -1.16 24.39 24.39
CA GLY C 135 -1.42 23.11 24.98
C GLY C 135 -0.13 22.40 25.26
N ARG C 136 -0.25 21.15 25.73
CA ARG C 136 0.93 20.33 26.01
C ARG C 136 0.96 19.07 25.15
N GLY C 137 0.28 19.08 24.03
CA GLY C 137 0.28 17.95 23.11
C GLY C 137 -0.74 16.92 23.49
N GLY C 138 -0.74 15.83 22.74
CA GLY C 138 -1.68 14.75 22.99
C GLY C 138 -1.74 13.86 21.78
N SER C 139 -2.86 13.15 21.65
CA SER C 139 -3.01 12.28 20.49
C SER C 139 -4.46 12.19 20.06
N ILE C 140 -4.62 11.88 18.78
CA ILE C 140 -5.89 11.66 18.11
C ILE C 140 -5.82 10.24 17.56
N VAL C 141 -6.83 9.44 17.81
CA VAL C 141 -6.95 8.13 17.20
C VAL C 141 -8.24 8.10 16.43
N ASN C 142 -8.13 7.95 15.10
CA ASN C 142 -9.31 7.79 14.27
C ASN C 142 -9.67 6.32 14.18
N VAL C 143 -10.95 6.02 14.27
CA VAL C 143 -11.44 4.65 14.08
C VAL C 143 -11.89 4.55 12.62
N SER C 144 -11.06 3.88 11.80
CA SER C 144 -11.37 3.65 10.40
C SER C 144 -12.00 2.26 10.24
N SER C 145 -11.63 1.54 9.20
CA SER C 145 -12.16 0.22 8.92
C SER C 145 -11.32 -0.45 7.85
N MET C 146 -11.29 -1.79 7.86
CA MET C 146 -10.68 -2.47 6.73
C MET C 146 -11.43 -2.18 5.45
N ALA C 147 -12.69 -1.73 5.55
CA ALA C 147 -13.44 -1.34 4.35
C ALA C 147 -12.71 -0.33 3.49
N SER C 148 -11.84 0.50 4.07
CA SER C 148 -11.13 1.49 3.26
C SER C 148 -10.21 0.82 2.26
N ARG C 149 -9.74 -0.38 2.59
CA ARG C 149 -8.82 -1.13 1.76
C ARG C 149 -9.52 -2.16 0.90
N LEU C 150 -10.61 -2.73 1.38
CA LEU C 150 -11.34 -3.79 0.69
C LEU C 150 -12.45 -3.27 -0.19
N GLY C 151 -13.02 -2.10 0.12
CA GLY C 151 -13.96 -1.46 -0.76
C GLY C 151 -15.42 -1.73 -0.48
N SER C 152 -15.72 -2.71 0.38
CA SER C 152 -17.09 -3.10 0.69
C SER C 152 -18.00 -3.31 -0.52
N PRO C 153 -17.55 -4.02 -1.54
CA PRO C 153 -18.41 -4.22 -2.72
C PRO C 153 -19.67 -4.99 -2.35
N ASN C 154 -20.78 -4.62 -3.00
CA ASN C 154 -22.11 -5.19 -2.77
C ASN C 154 -22.62 -4.98 -1.36
N GLU C 155 -21.99 -4.12 -0.59
CA GLU C 155 -22.46 -3.85 0.75
C GLU C 155 -22.56 -2.35 1.00
N TYR C 156 -21.43 -1.66 1.03
CA TYR C 156 -21.51 -0.22 1.27
CA TYR C 156 -21.48 -0.24 1.33
C TYR C 156 -20.25 0.49 0.80
N ILE C 157 -20.14 0.64 -0.51
CA ILE C 157 -18.99 1.37 -1.03
C ILE C 157 -18.93 2.79 -0.47
N ASP C 158 -20.08 3.38 -0.14
CA ASP C 158 -20.09 4.70 0.47
C ASP C 158 -19.31 4.72 1.79
N TYR C 159 -19.57 3.74 2.67
CA TYR C 159 -18.83 3.64 3.93
C TYR C 159 -17.34 3.42 3.70
N ALA C 160 -17.01 2.53 2.76
CA ALA C 160 -15.60 2.30 2.42
C ALA C 160 -14.93 3.59 2.00
N ALA C 161 -15.63 4.39 1.18
CA ALA C 161 -15.06 5.67 0.75
C ALA C 161 -14.90 6.62 1.93
N ALA C 162 -15.88 6.65 2.84
CA ALA C 162 -15.74 7.49 4.02
C ALA C 162 -14.50 7.10 4.82
N LYS C 163 -14.25 5.79 4.94
CA LYS C 163 -13.10 5.37 5.75
C LYS C 163 -11.78 5.59 5.00
N GLY C 164 -11.80 5.51 3.68
CA GLY C 164 -10.63 5.94 2.92
C GLY C 164 -10.33 7.42 3.12
N ALA C 165 -11.37 8.23 3.24
CA ALA C 165 -11.16 9.64 3.57
C ALA C 165 -10.51 9.78 4.95
N ILE C 166 -10.96 8.98 5.91
CA ILE C 166 -10.36 8.98 7.24
C ILE C 166 -8.90 8.60 7.19
N ASP C 167 -8.55 7.57 6.40
CA ASP C 167 -7.14 7.19 6.33
C ASP C 167 -6.28 8.33 5.79
N SER C 168 -6.74 8.99 4.73
CA SER C 168 -5.96 10.10 4.17
C SER C 168 -5.87 11.26 5.14
N MET C 169 -6.96 11.54 5.87
CA MET C 169 -6.90 12.60 6.87
C MET C 169 -5.92 12.26 8.01
N THR C 170 -5.86 10.98 8.41
CA THR C 170 -4.89 10.53 9.41
C THR C 170 -3.46 10.85 8.97
N ILE C 171 -3.15 10.53 7.72
CA ILE C 171 -1.82 10.78 7.19
C ILE C 171 -1.54 12.27 7.14
N GLY C 172 -2.44 13.02 6.51
CA GLY C 172 -2.20 14.43 6.34
C GLY C 172 -2.15 15.19 7.65
N LEU C 173 -3.11 14.93 8.56
CA LEU C 173 -3.09 15.65 9.83
C LEU C 173 -1.86 15.26 10.65
N ALA C 174 -1.47 13.98 10.66
CA ALA C 174 -0.25 13.59 11.34
C ALA C 174 0.95 14.42 10.88
N ARG C 175 1.10 14.62 9.58
CA ARG C 175 2.24 15.39 9.09
C ARG C 175 2.09 16.86 9.42
N GLU C 176 0.86 17.37 9.41
CA GLU C 176 0.62 18.79 9.64
C GLU C 176 0.92 19.19 11.09
N VAL C 177 0.62 18.33 12.07
CA VAL C 177 0.77 18.73 13.48
C VAL C 177 1.87 17.96 14.22
N ALA C 178 2.73 17.23 13.50
CA ALA C 178 3.76 16.43 14.17
C ALA C 178 4.74 17.26 14.98
N ALA C 179 4.94 18.52 14.61
CA ALA C 179 5.90 19.37 15.30
C ALA C 179 5.26 20.20 16.41
N GLU C 180 3.97 19.94 16.70
CA GLU C 180 3.23 20.67 17.72
C GLU C 180 2.85 19.78 18.90
N GLY C 181 3.42 18.57 18.96
CA GLY C 181 3.20 17.70 20.08
C GLY C 181 1.98 16.82 19.97
N ILE C 182 1.35 16.74 18.81
CA ILE C 182 0.17 15.92 18.60
C ILE C 182 0.52 14.77 17.67
N ARG C 183 0.19 13.54 18.10
CA ARG C 183 0.27 12.37 17.22
C ARG C 183 -1.13 12.02 16.73
N VAL C 184 -1.23 11.53 15.48
CA VAL C 184 -2.51 11.21 14.88
C VAL C 184 -2.34 9.85 14.21
N ASN C 185 -3.12 8.86 14.66
CA ASN C 185 -3.03 7.48 14.13
C ASN C 185 -4.43 6.92 13.95
N ALA C 186 -4.55 5.75 13.35
CA ALA C 186 -5.86 5.13 13.20
C ALA C 186 -5.79 3.63 13.45
N VAL C 187 -6.95 3.07 13.81
CA VAL C 187 -7.14 1.63 13.86
C VAL C 187 -8.10 1.27 12.73
N ARG C 188 -7.87 0.10 12.13
CA ARG C 188 -8.80 -0.41 11.12
C ARG C 188 -9.42 -1.71 11.59
N PRO C 189 -10.56 -1.67 12.28
CA PRO C 189 -11.26 -2.90 12.62
C PRO C 189 -11.73 -3.63 11.38
N GLY C 190 -11.71 -4.95 11.46
CA GLY C 190 -12.36 -5.77 10.46
C GLY C 190 -13.78 -6.10 10.89
N LEU C 191 -14.11 -7.38 10.95
CA LEU C 191 -15.40 -7.87 11.43
C LEU C 191 -15.33 -8.00 12.94
N ILE C 192 -16.10 -7.16 13.64
CA ILE C 192 -16.09 -7.07 15.10
C ILE C 192 -17.46 -7.48 15.60
N ASP C 193 -17.49 -8.40 16.58
CA ASP C 193 -18.73 -8.86 17.20
C ASP C 193 -19.51 -7.69 17.82
N ARG C 208 -20.50 -17.41 9.04
CA ARG C 208 -20.90 -16.76 7.80
C ARG C 208 -19.68 -16.33 7.00
N LEU C 209 -19.06 -15.23 7.43
CA LEU C 209 -17.83 -14.73 6.84
C LEU C 209 -16.60 -15.15 7.63
N LYS C 210 -16.74 -16.02 8.64
CA LYS C 210 -15.59 -16.47 9.42
C LYS C 210 -14.54 -17.12 8.53
N GLY C 211 -14.94 -17.75 7.43
CA GLY C 211 -13.98 -18.40 6.56
C GLY C 211 -12.98 -17.45 5.95
N GLY C 212 -13.44 -16.27 5.55
CA GLY C 212 -12.56 -15.26 4.94
C GLY C 212 -11.86 -14.39 5.96
N ILE C 213 -11.72 -14.90 7.18
CA ILE C 213 -10.92 -14.27 8.19
C ILE C 213 -9.82 -15.27 8.55
N PRO C 214 -8.56 -14.96 8.27
CA PRO C 214 -7.49 -15.93 8.59
C PRO C 214 -7.55 -16.47 10.00
N LEU C 215 -7.75 -15.61 11.01
CA LEU C 215 -7.84 -16.10 12.39
C LEU C 215 -9.14 -16.85 12.67
N GLY C 216 -10.11 -16.82 11.76
CA GLY C 216 -11.23 -17.76 11.84
C GLY C 216 -12.36 -17.35 12.76
N ARG C 217 -12.37 -16.12 13.24
CA ARG C 217 -13.38 -15.64 14.17
C ARG C 217 -13.53 -14.14 14.00
N GLY C 218 -14.66 -13.62 14.48
CA GLY C 218 -14.78 -12.18 14.61
C GLY C 218 -13.96 -11.63 15.77
N GLY C 219 -13.63 -10.35 15.67
CA GLY C 219 -12.92 -9.69 16.75
C GLY C 219 -13.89 -9.19 17.81
N THR C 220 -13.34 -8.73 18.93
CA THR C 220 -14.15 -8.15 20.00
C THR C 220 -13.92 -6.64 20.09
N ALA C 221 -14.94 -5.94 20.61
CA ALA C 221 -14.78 -4.52 20.86
C ALA C 221 -13.58 -4.24 21.75
N GLU C 222 -13.32 -5.11 22.71
CA GLU C 222 -12.19 -4.93 23.62
C GLU C 222 -10.85 -5.08 22.92
N GLU C 223 -10.76 -5.94 21.91
CA GLU C 223 -9.54 -6.01 21.10
C GLU C 223 -9.26 -4.69 20.40
N VAL C 224 -10.29 -4.10 19.79
CA VAL C 224 -10.08 -2.82 19.13
C VAL C 224 -9.69 -1.77 20.16
N ALA C 225 -10.37 -1.77 21.31
CA ALA C 225 -10.09 -0.77 22.33
C ALA C 225 -8.62 -0.84 22.75
N ARG C 226 -8.06 -2.06 22.84
CA ARG C 226 -6.67 -2.18 23.27
C ARG C 226 -5.71 -1.52 22.26
N ALA C 227 -6.00 -1.63 20.97
CA ALA C 227 -5.14 -0.97 19.98
C ALA C 227 -5.27 0.55 20.06
N ILE C 228 -6.49 1.05 20.24
CA ILE C 228 -6.70 2.49 20.38
C ILE C 228 -5.91 3.02 21.57
N LEU C 229 -6.06 2.35 22.72
CA LEU C 229 -5.37 2.82 23.92
C LEU C 229 -3.86 2.79 23.72
N TRP C 230 -3.35 1.77 23.01
CA TRP C 230 -1.90 1.73 22.79
C TRP C 230 -1.45 2.92 21.95
N LEU C 231 -2.17 3.23 20.88
CA LEU C 231 -1.74 4.34 20.04
C LEU C 231 -1.86 5.67 20.79
N ALA C 232 -2.83 5.78 21.71
CA ALA C 232 -2.96 6.98 22.51
C ALA C 232 -1.91 7.09 23.61
N SER C 233 -1.26 5.99 23.96
CA SER C 233 -0.37 5.95 25.09
C SER C 233 1.03 6.42 24.74
N ASP C 234 1.82 6.66 25.79
CA ASP C 234 3.20 7.08 25.59
C ASP C 234 4.07 5.97 25.01
N GLU C 235 3.61 4.73 25.03
N GLU C 235 3.60 4.72 25.02
CA GLU C 235 4.37 3.66 24.39
CA GLU C 235 4.40 3.67 24.38
C GLU C 235 4.55 3.91 22.90
C GLU C 235 4.55 3.91 22.89
N ALA C 236 3.62 4.63 22.29
CA ALA C 236 3.63 4.88 20.85
C ALA C 236 4.20 6.24 20.53
N SER C 237 5.17 6.70 21.32
CA SER C 237 5.64 8.08 21.21
C SER C 237 6.33 8.43 19.89
N TYR C 238 6.80 7.46 19.11
CA TYR C 238 7.40 7.73 17.82
C TYR C 238 6.53 7.27 16.67
N SER C 239 5.24 6.98 16.92
CA SER C 239 4.32 6.57 15.88
C SER C 239 3.30 7.67 15.62
N THR C 240 3.31 8.20 14.39
CA THR C 240 2.26 9.10 13.95
C THR C 240 2.05 8.90 12.46
N GLY C 241 0.78 8.96 12.04
CA GLY C 241 0.45 8.65 10.65
C GLY C 241 0.42 7.18 10.35
N THR C 242 0.25 6.36 11.36
CA THR C 242 0.29 4.93 11.13
C THR C 242 -1.02 4.29 11.55
N PHE C 243 -1.14 3.02 11.19
CA PHE C 243 -2.38 2.29 11.26
C PHE C 243 -2.14 0.95 11.92
N ILE C 244 -3.01 0.57 12.84
CA ILE C 244 -3.04 -0.78 13.37
C ILE C 244 -4.31 -1.44 12.85
N ASP C 245 -4.15 -2.48 12.05
CA ASP C 245 -5.28 -3.26 11.57
CA ASP C 245 -5.28 -3.26 11.57
C ASP C 245 -5.66 -4.28 12.64
N VAL C 246 -6.95 -4.32 12.98
CA VAL C 246 -7.50 -5.22 13.99
C VAL C 246 -8.58 -6.04 13.29
N SER C 247 -8.13 -6.97 12.46
CA SER C 247 -9.02 -7.57 11.48
C SER C 247 -8.79 -9.06 11.36
N GLY C 248 -7.97 -9.66 12.24
CA GLY C 248 -7.73 -11.11 12.17
C GLY C 248 -7.06 -11.55 10.89
N GLY C 249 -6.35 -10.65 10.21
CA GLY C 249 -5.65 -10.95 8.99
C GLY C 249 -6.40 -10.60 7.73
N ARG C 250 -7.62 -10.12 7.85
CA ARG C 250 -8.43 -9.66 6.71
C ARG C 250 -7.94 -8.32 6.21
N MET D 3 -20.47 4.14 -35.98
CA MET D 3 -20.89 4.64 -34.65
C MET D 3 -19.68 4.76 -33.72
N ARG D 4 -19.55 5.93 -33.12
CA ARG D 4 -18.47 6.18 -32.18
C ARG D 4 -18.86 5.75 -30.78
N ASN D 5 -17.86 5.30 -30.02
CA ASN D 5 -18.01 5.15 -28.57
C ASN D 5 -18.19 6.54 -27.95
N VAL D 6 -18.91 6.58 -26.83
CA VAL D 6 -19.31 7.83 -26.20
C VAL D 6 -18.63 7.94 -24.84
N MET D 7 -17.93 9.06 -24.62
CA MET D 7 -17.20 9.34 -23.40
C MET D 7 -17.79 10.60 -22.77
N LEU D 8 -18.19 10.48 -21.50
CA LEU D 8 -18.55 11.63 -20.68
C LEU D 8 -17.35 12.03 -19.85
N ILE D 9 -17.00 13.31 -19.93
CA ILE D 9 -15.97 13.88 -19.06
C ILE D 9 -16.63 14.95 -18.21
N THR D 10 -16.58 14.78 -16.90
CA THR D 10 -17.08 15.83 -16.03
C THR D 10 -16.02 16.91 -15.81
N GLY D 11 -16.48 18.12 -15.51
CA GLY D 11 -15.56 19.23 -15.32
C GLY D 11 -14.58 19.40 -16.46
N ALA D 12 -15.11 19.45 -17.67
CA ALA D 12 -14.30 19.30 -18.87
C ALA D 12 -13.94 20.64 -19.50
N SER D 13 -14.24 21.76 -18.82
CA SER D 13 -14.07 23.03 -19.53
C SER D 13 -12.60 23.43 -19.66
N ARG D 14 -11.73 23.00 -18.75
CA ARG D 14 -10.32 23.36 -18.78
C ARG D 14 -9.47 22.23 -18.25
N GLY D 15 -8.15 22.43 -18.26
CA GLY D 15 -7.23 21.53 -17.57
C GLY D 15 -7.30 20.09 -18.05
N ILE D 16 -7.21 19.16 -17.08
CA ILE D 16 -7.22 17.73 -17.38
C ILE D 16 -8.47 17.34 -18.13
N GLY D 17 -9.63 17.83 -17.70
CA GLY D 17 -10.87 17.49 -18.37
C GLY D 17 -10.85 17.88 -19.85
N ALA D 18 -10.42 19.13 -20.13
CA ALA D 18 -10.39 19.59 -21.51
C ALA D 18 -9.41 18.77 -22.35
N ALA D 19 -8.23 18.51 -21.80
CA ALA D 19 -7.22 17.74 -22.54
C ALA D 19 -7.70 16.32 -22.78
N THR D 20 -8.40 15.75 -21.81
CA THR D 20 -8.95 14.42 -22.02
C THR D 20 -10.02 14.44 -23.11
N ALA D 21 -10.88 15.45 -23.11
CA ALA D 21 -11.91 15.56 -24.15
C ALA D 21 -11.27 15.65 -25.53
N LEU D 22 -10.25 16.50 -25.68
CA LEU D 22 -9.65 16.69 -26.99
C LEU D 22 -8.96 15.42 -27.47
N LEU D 23 -8.19 14.78 -26.60
CA LEU D 23 -7.51 13.54 -26.99
C LEU D 23 -8.51 12.44 -27.32
N ALA D 24 -9.59 12.35 -26.53
CA ALA D 24 -10.60 11.33 -26.79
C ALA D 24 -11.25 11.54 -28.15
N ALA D 25 -11.61 12.78 -28.47
CA ALA D 25 -12.17 13.09 -29.78
C ALA D 25 -11.15 12.79 -30.89
N GLU D 26 -9.88 13.15 -30.67
CA GLU D 26 -8.84 12.86 -31.65
C GLU D 26 -8.76 11.37 -31.94
N ARG D 27 -8.96 10.54 -30.93
CA ARG D 27 -8.93 9.09 -31.09
C ARG D 27 -10.27 8.51 -31.48
N GLY D 28 -11.28 9.34 -31.72
CA GLY D 28 -12.50 8.85 -32.34
C GLY D 28 -13.73 8.78 -31.45
N TYR D 29 -13.60 9.00 -30.15
CA TYR D 29 -14.77 9.05 -29.31
C TYR D 29 -15.67 10.24 -29.70
N ALA D 30 -16.98 10.04 -29.55
CA ALA D 30 -17.90 11.15 -29.35
C ALA D 30 -17.82 11.56 -27.89
N VAL D 31 -17.75 12.86 -27.64
CA VAL D 31 -17.45 13.37 -26.30
C VAL D 31 -18.62 14.20 -25.78
N VAL D 32 -18.95 13.96 -24.52
CA VAL D 32 -19.89 14.81 -23.78
C VAL D 32 -19.06 15.63 -22.83
N LEU D 33 -19.06 16.97 -23.03
CA LEU D 33 -18.33 17.91 -22.22
C LEU D 33 -19.28 18.48 -21.17
N ASN D 34 -19.22 17.93 -19.96
CA ASN D 34 -19.97 18.51 -18.86
C ASN D 34 -19.17 19.65 -18.26
N TYR D 35 -19.83 20.77 -18.02
CA TYR D 35 -19.20 21.93 -17.40
C TYR D 35 -20.15 22.48 -16.34
N LEU D 36 -19.59 23.22 -15.39
CA LEU D 36 -20.41 23.82 -14.34
C LEU D 36 -20.82 25.25 -14.69
N ARG D 37 -19.85 26.14 -14.80
CA ARG D 37 -20.13 27.56 -15.05
C ARG D 37 -19.53 28.09 -16.34
N ASN D 38 -18.36 27.60 -16.76
CA ASN D 38 -17.59 28.24 -17.83
C ASN D 38 -18.09 27.78 -19.21
N ARG D 39 -19.26 28.30 -19.57
CA ARG D 39 -19.90 27.92 -20.81
C ARG D 39 -19.05 28.28 -22.03
N GLU D 40 -18.42 29.45 -22.01
CA GLU D 40 -17.65 29.88 -23.17
C GLU D 40 -16.55 28.88 -23.51
N ALA D 41 -15.79 28.43 -22.51
CA ALA D 41 -14.70 27.50 -22.75
C ALA D 41 -15.20 26.16 -23.28
N ALA D 42 -16.29 25.67 -22.71
CA ALA D 42 -16.83 24.38 -23.13
C ALA D 42 -17.36 24.42 -24.55
N GLU D 43 -18.06 25.48 -24.92
CA GLU D 43 -18.54 25.63 -26.30
C GLU D 43 -17.37 25.71 -27.28
N ALA D 44 -16.33 26.47 -26.92
CA ALA D 44 -15.16 26.57 -27.78
C ALA D 44 -14.54 25.20 -28.02
N LEU D 45 -14.40 24.41 -26.96
CA LEU D 45 -13.90 23.06 -27.13
C LEU D 45 -14.81 22.25 -28.04
N ARG D 46 -16.12 22.39 -27.85
CA ARG D 46 -17.05 21.62 -28.67
C ARG D 46 -16.91 22.03 -30.13
N GLN D 47 -16.76 23.33 -30.39
CA GLN D 47 -16.55 23.79 -31.76
C GLN D 47 -15.24 23.26 -32.34
N ARG D 48 -14.16 23.29 -31.55
CA ARG D 48 -12.90 22.75 -32.04
C ARG D 48 -13.04 21.29 -32.42
N ILE D 49 -13.71 20.50 -31.58
CA ILE D 49 -13.89 19.08 -31.87
C ILE D 49 -14.73 18.90 -33.13
N GLU D 50 -15.83 19.65 -33.25
CA GLU D 50 -16.69 19.51 -34.42
C GLU D 50 -15.97 19.97 -35.68
N ARG D 51 -15.24 21.08 -35.63
CA ARG D 51 -14.47 21.53 -36.79
C ARG D 51 -13.59 20.40 -37.32
N GLN D 52 -12.92 19.67 -36.41
CA GLN D 52 -12.00 18.62 -36.78
C GLN D 52 -12.71 17.32 -37.14
N GLY D 53 -14.02 17.35 -37.34
CA GLY D 53 -14.76 16.19 -37.83
C GLY D 53 -15.39 15.32 -36.77
N GLY D 54 -15.30 15.71 -35.49
CA GLY D 54 -15.79 14.89 -34.41
C GLY D 54 -17.22 15.21 -34.01
N GLU D 55 -17.67 14.55 -32.96
CA GLU D 55 -18.98 14.75 -32.37
C GLU D 55 -18.79 15.12 -30.91
N ALA D 56 -19.43 16.22 -30.50
CA ALA D 56 -19.31 16.67 -29.12
C ALA D 56 -20.63 17.30 -28.72
N LEU D 57 -20.93 17.17 -27.43
CA LEU D 57 -22.12 17.73 -26.79
C LEU D 57 -21.67 18.37 -25.51
N ALA D 58 -22.01 19.64 -25.31
CA ALA D 58 -21.73 20.36 -24.07
C ALA D 58 -22.99 20.42 -23.22
N VAL D 59 -22.84 20.15 -21.93
CA VAL D 59 -23.98 20.11 -21.02
C VAL D 59 -23.59 20.77 -19.72
N ALA D 60 -24.26 21.86 -19.37
CA ALA D 60 -24.14 22.44 -18.05
C ALA D 60 -24.81 21.54 -17.02
N ALA D 61 -24.07 21.19 -15.97
CA ALA D 61 -24.68 20.45 -14.87
C ALA D 61 -23.72 20.45 -13.68
N ASP D 62 -24.28 20.65 -12.50
CA ASP D 62 -23.52 20.53 -11.26
C ASP D 62 -23.58 19.09 -10.79
N VAL D 63 -22.46 18.35 -10.89
CA VAL D 63 -22.49 16.94 -10.55
C VAL D 63 -22.75 16.71 -9.07
N ALA D 64 -22.62 17.73 -8.22
CA ALA D 64 -22.96 17.57 -6.81
C ALA D 64 -24.48 17.46 -6.61
N GLU D 65 -25.26 17.85 -7.61
CA GLU D 65 -26.71 17.95 -7.50
C GLU D 65 -27.34 16.79 -8.27
N GLU D 66 -28.02 15.92 -7.53
CA GLU D 66 -28.61 14.72 -8.09
C GLU D 66 -29.52 15.02 -9.27
N GLY D 67 -30.33 16.08 -9.18
CA GLY D 67 -31.21 16.42 -10.29
C GLY D 67 -30.46 16.85 -11.52
N ASP D 68 -29.33 17.54 -11.35
CA ASP D 68 -28.48 17.89 -12.48
C ASP D 68 -27.85 16.64 -13.09
N VAL D 69 -27.39 15.71 -12.25
CA VAL D 69 -26.82 14.46 -12.77
C VAL D 69 -27.85 13.71 -13.59
N GLU D 70 -29.09 13.62 -13.09
CA GLU D 70 -30.14 12.97 -13.86
C GLU D 70 -30.30 13.64 -15.23
N ARG D 71 -30.36 14.96 -15.26
N ARG D 71 -30.33 14.97 -15.27
CA ARG D 71 -30.54 15.67 -16.53
CA ARG D 71 -30.55 15.69 -16.51
C ARG D 71 -29.36 15.44 -17.45
C ARG D 71 -29.36 15.58 -17.46
N LEU D 72 -28.15 15.52 -16.92
CA LEU D 72 -26.97 15.34 -17.74
C LEU D 72 -27.03 14.03 -18.48
N PHE D 73 -27.30 12.93 -17.77
CA PHE D 73 -27.29 11.64 -18.44
C PHE D 73 -28.49 11.49 -19.36
N ALA D 74 -29.64 12.07 -18.99
CA ALA D 74 -30.77 12.09 -19.92
C ALA D 74 -30.37 12.76 -21.22
N SER D 75 -29.55 13.82 -21.14
CA SER D 75 -29.15 14.53 -22.35
C SER D 75 -28.25 13.66 -23.22
N ILE D 76 -27.44 12.80 -22.61
CA ILE D 76 -26.60 11.88 -23.37
C ILE D 76 -27.47 10.81 -24.03
N ASP D 77 -28.42 10.24 -23.27
CA ASP D 77 -29.33 9.26 -23.84
C ASP D 77 -29.98 9.80 -25.10
N GLU D 78 -30.47 11.05 -25.02
CA GLU D 78 -31.22 11.62 -26.13
C GLU D 78 -30.33 11.90 -27.33
N ARG D 79 -29.11 12.36 -27.10
CA ARG D 79 -28.25 12.76 -28.21
C ARG D 79 -27.58 11.56 -28.83
N PHE D 80 -27.03 10.67 -28.01
CA PHE D 80 -26.19 9.57 -28.50
C PHE D 80 -26.78 8.19 -28.29
N GLY D 81 -27.75 8.03 -27.39
CA GLY D 81 -28.39 6.75 -27.18
C GLY D 81 -27.49 5.66 -26.66
N ARG D 82 -26.35 6.02 -26.10
CA ARG D 82 -25.40 5.05 -25.58
C ARG D 82 -24.39 5.80 -24.72
N LEU D 83 -23.69 5.06 -23.89
CA LEU D 83 -22.57 5.58 -23.10
C LEU D 83 -21.56 4.47 -22.97
N ASP D 84 -20.28 4.80 -23.12
CA ASP D 84 -19.24 3.78 -23.06
C ASP D 84 -18.17 4.04 -22.01
N VAL D 85 -17.84 5.30 -21.74
CA VAL D 85 -16.81 5.65 -20.78
C VAL D 85 -17.26 6.85 -19.96
N LEU D 86 -17.05 6.78 -18.65
CA LEU D 86 -17.20 7.91 -17.74
C LEU D 86 -15.85 8.30 -17.18
N VAL D 87 -15.46 9.56 -17.34
CA VAL D 87 -14.26 10.10 -16.70
C VAL D 87 -14.74 11.05 -15.61
N ASN D 88 -14.53 10.65 -14.35
CA ASN D 88 -14.96 11.44 -13.20
C ASN D 88 -13.83 12.41 -12.88
N ASN D 89 -13.86 13.56 -13.58
CA ASN D 89 -12.80 14.54 -13.48
C ASN D 89 -13.17 15.75 -12.66
N ALA D 90 -14.45 16.06 -12.57
CA ALA D 90 -14.89 17.22 -11.80
C ALA D 90 -14.30 17.18 -10.39
N GLY D 91 -13.62 18.25 -10.01
CA GLY D 91 -13.06 18.36 -8.69
C GLY D 91 -13.26 19.77 -8.17
N MET D 92 -12.80 19.97 -6.93
CA MET D 92 -13.00 21.23 -6.22
C MET D 92 -11.87 21.34 -5.20
N LEU D 93 -11.09 22.39 -5.32
CA LEU D 93 -9.97 22.67 -4.42
C LEU D 93 -10.15 24.07 -3.87
N GLU D 94 -10.08 24.21 -2.56
CA GLU D 94 -10.24 25.51 -1.91
C GLU D 94 -8.89 25.98 -1.36
N ALA D 95 -8.89 27.14 -0.73
CA ALA D 95 -7.64 27.83 -0.43
C ALA D 95 -6.77 27.02 0.52
N GLN D 96 -5.46 27.23 0.39
CA GLN D 96 -4.48 26.61 1.29
C GLN D 96 -4.80 26.94 2.73
N THR D 97 -4.77 25.92 3.57
CA THR D 97 -5.25 26.02 4.95
C THR D 97 -4.66 24.90 5.79
N ARG D 98 -4.66 25.12 7.10
CA ARG D 98 -4.52 24.02 8.06
C ARG D 98 -5.89 23.45 8.44
N LEU D 99 -5.89 22.19 8.86
CA LEU D 99 -7.15 21.52 9.19
C LEU D 99 -7.93 22.28 10.26
N GLU D 100 -7.24 22.86 11.23
CA GLU D 100 -7.94 23.57 12.31
C GLU D 100 -8.72 24.77 11.80
N ASN D 101 -8.49 25.19 10.56
CA ASN D 101 -9.27 26.27 9.98
C ASN D 101 -10.21 25.82 8.87
N ILE D 102 -10.47 24.52 8.76
CA ILE D 102 -11.47 24.00 7.83
C ILE D 102 -12.80 23.83 8.56
N ASP D 103 -13.85 24.52 8.09
CA ASP D 103 -15.13 24.42 8.74
C ASP D 103 -16.08 23.49 7.98
N ALA D 104 -17.28 23.29 8.56
CA ALA D 104 -18.19 22.30 8.02
C ALA D 104 -18.66 22.70 6.63
N ALA D 105 -18.88 24.00 6.41
CA ALA D 105 -19.30 24.47 5.09
C ALA D 105 -18.28 24.10 4.03
N ARG D 106 -17.00 24.28 4.33
CA ARG D 106 -15.97 23.91 3.37
C ARG D 106 -15.97 22.39 3.13
N LEU D 107 -16.01 21.61 4.21
CA LEU D 107 -16.04 20.17 4.03
C LEU D 107 -17.21 19.74 3.17
N HIS D 108 -18.40 20.30 3.41
CA HIS D 108 -19.53 19.92 2.57
C HIS D 108 -19.29 20.28 1.11
N ARG D 109 -18.76 21.47 0.82
CA ARG D 109 -18.55 21.82 -0.58
C ARG D 109 -17.55 20.86 -1.22
N VAL D 110 -16.43 20.60 -0.53
CA VAL D 110 -15.35 19.82 -1.12
C VAL D 110 -15.77 18.38 -1.35
N PHE D 111 -16.44 17.77 -0.39
CA PHE D 111 -16.92 16.40 -0.60
C PHE D 111 -18.08 16.33 -1.56
N ALA D 112 -18.92 17.37 -1.61
CA ALA D 112 -20.08 17.29 -2.49
C ALA D 112 -19.63 17.18 -3.94
N THR D 113 -18.65 17.97 -4.33
CA THR D 113 -18.20 17.94 -5.72
C THR D 113 -17.26 16.79 -5.99
N ASN D 114 -16.20 16.67 -5.18
CA ASN D 114 -15.19 15.66 -5.47
C ASN D 114 -15.72 14.24 -5.27
N VAL D 115 -16.51 13.99 -4.25
CA VAL D 115 -16.91 12.64 -3.87
C VAL D 115 -18.33 12.32 -4.30
N THR D 116 -19.30 13.08 -3.77
CA THR D 116 -20.68 12.80 -4.15
C THR D 116 -20.86 12.84 -5.66
N GLY D 117 -20.27 13.84 -6.33
CA GLY D 117 -20.43 13.92 -7.78
C GLY D 117 -19.92 12.69 -8.50
N SER D 118 -18.77 12.16 -8.05
CA SER D 118 -18.21 10.97 -8.66
C SER D 118 -19.08 9.75 -8.40
N PHE D 119 -19.64 9.64 -7.18
CA PHE D 119 -20.55 8.54 -6.91
C PHE D 119 -21.78 8.62 -7.81
N LEU D 120 -22.40 9.80 -7.90
CA LEU D 120 -23.67 9.91 -8.61
C LEU D 120 -23.49 9.65 -10.10
N CYS D 121 -22.41 10.16 -10.69
CA CYS D 121 -22.13 9.88 -12.10
C CYS D 121 -21.78 8.41 -12.29
N ALA D 122 -20.99 7.83 -11.39
CA ALA D 122 -20.71 6.40 -11.50
C ALA D 122 -22.00 5.59 -11.47
N ARG D 123 -22.93 5.99 -10.60
CA ARG D 123 -24.20 5.29 -10.48
C ARG D 123 -24.95 5.31 -11.81
N GLU D 124 -25.05 6.49 -12.42
CA GLU D 124 -25.76 6.60 -13.69
C GLU D 124 -25.00 5.86 -14.80
N ALA D 125 -23.67 5.83 -14.72
CA ALA D 125 -22.90 5.05 -15.68
C ALA D 125 -23.17 3.56 -15.53
N VAL D 126 -23.19 3.06 -14.29
CA VAL D 126 -23.46 1.65 -14.07
C VAL D 126 -24.81 1.26 -14.66
N LYS D 127 -25.82 2.11 -14.49
CA LYS D 127 -27.16 1.79 -14.96
C LYS D 127 -27.22 1.62 -16.47
N ARG D 128 -26.28 2.21 -17.21
CA ARG D 128 -26.28 2.15 -18.66
C ARG D 128 -25.25 1.20 -19.23
N LEU D 129 -24.09 1.08 -18.57
N LEU D 129 -24.09 1.09 -18.58
CA LEU D 129 -23.02 0.23 -19.07
CA LEU D 129 -23.01 0.24 -19.08
C LEU D 129 -23.20 -1.23 -18.71
C LEU D 129 -23.19 -1.23 -18.71
N SER D 130 -23.81 -1.51 -17.56
CA SER D 130 -23.82 -2.86 -17.03
C SER D 130 -24.48 -3.85 -17.98
N THR D 131 -23.87 -5.02 -18.12
CA THR D 131 -24.55 -6.10 -18.85
C THR D 131 -25.79 -6.60 -18.09
N ARG D 132 -25.92 -6.29 -16.80
CA ARG D 132 -27.16 -6.60 -16.08
C ARG D 132 -28.32 -5.72 -16.53
N HIS D 133 -28.04 -4.64 -17.25
CA HIS D 133 -29.05 -3.69 -17.69
C HIS D 133 -29.07 -3.54 -19.20
N GLY D 134 -28.70 -4.61 -19.90
CA GLY D 134 -28.68 -4.58 -21.35
C GLY D 134 -27.59 -3.74 -21.95
N GLY D 135 -26.56 -3.37 -21.19
CA GLY D 135 -25.44 -2.66 -21.75
C GLY D 135 -24.41 -3.60 -22.31
N ARG D 136 -23.38 -3.02 -22.93
CA ARG D 136 -22.26 -3.77 -23.50
C ARG D 136 -21.02 -3.73 -22.63
N GLY D 137 -21.11 -3.23 -21.40
CA GLY D 137 -19.93 -2.96 -20.59
C GLY D 137 -19.28 -1.65 -20.97
N GLY D 138 -18.18 -1.36 -20.29
CA GLY D 138 -17.47 -0.11 -20.52
C GLY D 138 -16.49 0.14 -19.40
N SER D 139 -16.11 1.40 -19.22
CA SER D 139 -15.22 1.68 -18.12
CA SER D 139 -15.08 1.78 -18.25
C SER D 139 -15.47 3.04 -17.52
N ILE D 140 -15.03 3.15 -16.27
CA ILE D 140 -15.06 4.36 -15.47
C ILE D 140 -13.62 4.64 -15.09
N VAL D 141 -13.17 5.87 -15.29
CA VAL D 141 -11.88 6.31 -14.81
C VAL D 141 -12.10 7.47 -13.86
N ASN D 142 -11.70 7.29 -12.61
CA ASN D 142 -11.81 8.35 -11.62
C ASN D 142 -10.51 9.15 -11.63
N VAL D 143 -10.62 10.47 -11.59
CA VAL D 143 -9.46 11.34 -11.43
C VAL D 143 -9.29 11.64 -9.95
N SER D 144 -8.28 11.01 -9.35
CA SER D 144 -7.93 11.19 -7.94
C SER D 144 -6.79 12.19 -7.83
N SER D 145 -5.82 11.93 -6.96
CA SER D 145 -4.70 12.84 -6.75
C SER D 145 -3.66 12.14 -5.91
N MET D 146 -2.39 12.50 -6.11
CA MET D 146 -1.39 12.05 -5.16
C MET D 146 -1.70 12.55 -3.75
N ALA D 147 -2.57 13.56 -3.61
CA ALA D 147 -2.95 13.99 -2.27
C ALA D 147 -3.53 12.84 -1.43
N SER D 148 -4.21 11.86 -2.05
CA SER D 148 -4.79 10.80 -1.24
C SER D 148 -3.73 10.05 -0.44
N ARG D 149 -2.51 9.99 -0.98
CA ARG D 149 -1.42 9.23 -0.36
C ARG D 149 -0.53 10.11 0.51
N LEU D 150 -0.37 11.39 0.17
CA LEU D 150 0.53 12.29 0.88
C LEU D 150 -0.16 13.14 1.93
N GLY D 151 -1.49 13.31 1.84
CA GLY D 151 -2.23 13.97 2.92
C GLY D 151 -2.39 15.46 2.81
N SER D 152 -1.67 16.11 1.89
CA SER D 152 -1.72 17.55 1.72
C SER D 152 -1.60 18.35 3.02
N PRO D 153 -0.64 18.02 3.87
CA PRO D 153 -0.51 18.78 5.11
C PRO D 153 -0.21 20.24 4.83
N ASN D 154 -0.77 21.12 5.67
N ASN D 154 -0.78 21.12 5.67
CA ASN D 154 -0.60 22.58 5.60
CA ASN D 154 -0.61 22.56 5.60
C ASN D 154 -1.24 23.18 4.36
C ASN D 154 -1.18 23.17 4.31
N GLU D 155 -2.00 22.41 3.59
CA GLU D 155 -2.60 22.89 2.34
C GLU D 155 -4.09 22.58 2.24
N TYR D 156 -4.46 21.32 2.16
CA TYR D 156 -5.87 21.01 2.08
C TYR D 156 -6.12 19.54 2.41
N ILE D 157 -5.98 19.21 3.69
CA ILE D 157 -6.27 17.85 4.12
C ILE D 157 -7.67 17.44 3.73
N ASP D 158 -8.61 18.40 3.62
CA ASP D 158 -9.96 18.06 3.18
C ASP D 158 -9.95 17.46 1.78
N TYR D 159 -9.16 18.06 0.89
CA TYR D 159 -9.04 17.58 -0.49
C TYR D 159 -8.37 16.23 -0.52
N ALA D 160 -7.32 16.07 0.30
CA ALA D 160 -6.65 14.77 0.37
C ALA D 160 -7.63 13.70 0.79
N ALA D 161 -8.47 14.01 1.79
CA ALA D 161 -9.43 13.04 2.27
C ALA D 161 -10.47 12.72 1.21
N ALA D 162 -10.91 13.72 0.45
CA ALA D 162 -11.86 13.47 -0.61
C ALA D 162 -11.26 12.51 -1.63
N LYS D 163 -9.99 12.70 -1.97
CA LYS D 163 -9.39 11.82 -2.95
C LYS D 163 -9.09 10.44 -2.36
N GLY D 164 -8.82 10.32 -1.07
CA GLY D 164 -8.79 9.00 -0.46
C GLY D 164 -10.13 8.28 -0.55
N ALA D 165 -11.21 9.02 -0.43
CA ALA D 165 -12.53 8.43 -0.64
C ALA D 165 -12.68 7.91 -2.07
N ILE D 166 -12.16 8.68 -3.03
CA ILE D 166 -12.23 8.24 -4.42
C ILE D 166 -11.44 6.97 -4.63
N ASP D 167 -10.25 6.88 -4.04
CA ASP D 167 -9.46 5.66 -4.21
C ASP D 167 -10.21 4.46 -3.66
N SER D 168 -10.82 4.60 -2.48
CA SER D 168 -11.58 3.47 -1.93
C SER D 168 -12.80 3.14 -2.76
N MET D 169 -13.50 4.16 -3.28
CA MET D 169 -14.62 3.89 -4.16
C MET D 169 -14.15 3.14 -5.41
N THR D 170 -12.99 3.50 -5.92
CA THR D 170 -12.44 2.85 -7.11
C THR D 170 -12.27 1.36 -6.86
N ILE D 171 -11.67 1.03 -5.72
CA ILE D 171 -11.44 -0.39 -5.39
C ILE D 171 -12.76 -1.11 -5.22
N GLY D 172 -13.67 -0.54 -4.43
CA GLY D 172 -14.92 -1.23 -4.14
C GLY D 172 -15.80 -1.38 -5.35
N LEU D 173 -15.95 -0.31 -6.13
CA LEU D 173 -16.79 -0.41 -7.33
C LEU D 173 -16.17 -1.35 -8.36
N ALA D 174 -14.85 -1.34 -8.49
CA ALA D 174 -14.20 -2.28 -9.42
C ALA D 174 -14.62 -3.70 -9.09
N ARG D 175 -14.59 -4.05 -7.81
N ARG D 175 -14.58 -4.05 -7.80
CA ARG D 175 -14.93 -5.42 -7.43
CA ARG D 175 -14.92 -5.41 -7.38
C ARG D 175 -16.42 -5.69 -7.57
C ARG D 175 -16.41 -5.69 -7.55
N GLU D 176 -17.25 -4.67 -7.34
CA GLU D 176 -18.69 -4.85 -7.40
C GLU D 176 -19.21 -5.06 -8.82
N VAL D 177 -18.61 -4.40 -9.82
CA VAL D 177 -19.17 -4.45 -11.16
C VAL D 177 -18.28 -5.20 -12.14
N ALA D 178 -17.22 -5.86 -11.67
CA ALA D 178 -16.31 -6.56 -12.56
C ALA D 178 -17.04 -7.61 -13.39
N ALA D 179 -18.00 -8.30 -12.78
CA ALA D 179 -18.69 -9.41 -13.45
C ALA D 179 -19.78 -8.95 -14.39
N GLU D 180 -20.06 -7.66 -14.50
CA GLU D 180 -21.06 -7.16 -15.44
C GLU D 180 -20.43 -6.22 -16.48
N GLY D 181 -19.15 -6.40 -16.75
CA GLY D 181 -18.55 -5.79 -17.92
C GLY D 181 -17.98 -4.42 -17.76
N ILE D 182 -17.88 -3.91 -16.52
CA ILE D 182 -17.41 -2.56 -16.23
C ILE D 182 -16.08 -2.66 -15.51
N ARG D 183 -15.07 -2.00 -16.07
CA ARG D 183 -13.81 -1.81 -15.39
C ARG D 183 -13.81 -0.41 -14.76
N VAL D 184 -13.19 -0.30 -13.59
CA VAL D 184 -13.15 0.94 -12.82
C VAL D 184 -11.71 1.15 -12.35
N ASN D 185 -11.07 2.22 -12.79
CA ASN D 185 -9.68 2.48 -12.44
C ASN D 185 -9.56 3.97 -12.12
N ALA D 186 -8.37 4.37 -11.66
CA ALA D 186 -8.13 5.76 -11.32
C ALA D 186 -6.74 6.23 -11.75
N VAL D 187 -6.60 7.53 -12.00
CA VAL D 187 -5.29 8.17 -12.16
C VAL D 187 -5.05 9.06 -10.96
N ARG D 188 -3.79 9.13 -10.50
CA ARG D 188 -3.40 10.05 -9.45
C ARG D 188 -2.44 11.10 -9.97
N PRO D 189 -2.92 12.24 -10.46
CA PRO D 189 -2.02 13.32 -10.83
C PRO D 189 -1.32 13.91 -9.60
N GLY D 190 -0.07 14.30 -9.81
CA GLY D 190 0.64 15.09 -8.83
C GLY D 190 0.48 16.57 -9.16
N LEU D 191 1.58 17.31 -9.20
CA LEU D 191 1.55 18.73 -9.55
C LEU D 191 1.47 18.87 -11.06
N ILE D 192 0.42 19.51 -11.54
CA ILE D 192 0.12 19.61 -12.96
C ILE D 192 0.13 21.09 -13.33
N ASP D 193 1.09 21.46 -14.19
CA ASP D 193 1.28 22.80 -14.78
C ASP D 193 2.76 23.15 -14.60
N LEU D 209 9.32 23.73 -5.20
CA LEU D 209 8.17 22.86 -5.44
C LEU D 209 8.57 21.75 -6.43
N LYS D 210 9.12 22.17 -7.57
CA LYS D 210 9.67 21.22 -8.52
C LYS D 210 10.81 20.40 -7.92
N GLY D 211 11.47 20.93 -6.89
CA GLY D 211 12.57 20.21 -6.26
C GLY D 211 12.14 18.96 -5.53
N GLY D 212 10.92 18.95 -4.98
CA GLY D 212 10.33 17.79 -4.37
C GLY D 212 9.64 16.84 -5.32
N ILE D 213 9.91 17.00 -6.62
CA ILE D 213 9.41 16.13 -7.66
C ILE D 213 10.64 15.49 -8.29
N PRO D 214 10.78 14.17 -8.27
CA PRO D 214 11.97 13.54 -8.86
C PRO D 214 12.20 13.92 -10.32
N LEU D 215 11.14 14.00 -11.14
CA LEU D 215 11.37 14.39 -12.54
C LEU D 215 11.62 15.88 -12.71
N GLY D 216 11.53 16.65 -11.63
CA GLY D 216 12.01 18.03 -11.65
C GLY D 216 11.15 19.03 -12.39
N ARG D 217 9.87 18.74 -12.59
CA ARG D 217 8.96 19.64 -13.28
C ARG D 217 7.54 19.24 -12.90
N GLY D 218 6.57 20.12 -13.23
CA GLY D 218 5.18 19.75 -13.16
C GLY D 218 4.77 18.90 -14.34
N GLY D 219 3.67 18.19 -14.21
CA GLY D 219 3.16 17.44 -15.33
C GLY D 219 2.24 18.30 -16.17
N THR D 220 1.88 17.78 -17.33
CA THR D 220 0.92 18.46 -18.18
C THR D 220 -0.45 17.79 -18.12
N ALA D 221 -1.49 18.59 -18.42
CA ALA D 221 -2.82 18.03 -18.56
C ALA D 221 -2.86 16.91 -19.61
N GLU D 222 -2.05 17.03 -20.65
CA GLU D 222 -2.01 16.04 -21.71
C GLU D 222 -1.42 14.73 -21.22
N GLU D 223 -0.41 14.80 -20.34
CA GLU D 223 0.14 13.57 -19.76
C GLU D 223 -0.92 12.83 -18.96
N VAL D 224 -1.69 13.55 -18.14
CA VAL D 224 -2.76 12.88 -17.40
C VAL D 224 -3.77 12.29 -18.37
N ALA D 225 -4.16 13.05 -19.39
CA ALA D 225 -5.15 12.58 -20.34
C ALA D 225 -4.76 11.25 -20.97
N ARG D 226 -3.47 11.10 -21.32
CA ARG D 226 -3.03 9.85 -21.95
C ARG D 226 -3.21 8.65 -21.02
N ALA D 227 -2.94 8.83 -19.73
CA ALA D 227 -3.17 7.73 -18.78
C ALA D 227 -4.64 7.43 -18.60
N ILE D 228 -5.49 8.45 -18.60
CA ILE D 228 -6.92 8.22 -18.52
C ILE D 228 -7.38 7.39 -19.72
N LEU D 229 -6.97 7.81 -20.92
CA LEU D 229 -7.39 7.14 -22.14
C LEU D 229 -6.91 5.70 -22.15
N TRP D 230 -5.68 5.47 -21.68
CA TRP D 230 -5.17 4.10 -21.70
C TRP D 230 -6.03 3.20 -20.83
N LEU D 231 -6.35 3.65 -19.62
CA LEU D 231 -7.17 2.84 -18.73
C LEU D 231 -8.55 2.59 -19.32
N ALA D 232 -9.05 3.52 -20.13
CA ALA D 232 -10.35 3.36 -20.75
C ALA D 232 -10.30 2.51 -22.01
N SER D 233 -9.11 2.23 -22.53
CA SER D 233 -8.94 1.52 -23.79
C SER D 233 -8.97 0.01 -23.64
N ASP D 234 -9.11 -0.67 -24.79
CA ASP D 234 -9.09 -2.14 -24.79
C ASP D 234 -7.71 -2.72 -24.46
N GLU D 235 -6.66 -1.90 -24.41
CA GLU D 235 -5.36 -2.42 -23.96
C GLU D 235 -5.34 -2.73 -22.47
N ALA D 236 -6.25 -2.10 -21.71
CA ALA D 236 -6.28 -2.29 -20.26
C ALA D 236 -7.33 -3.32 -19.86
N SER D 237 -7.57 -4.32 -20.73
CA SER D 237 -8.72 -5.19 -20.61
C SER D 237 -8.64 -6.10 -19.40
N TYR D 238 -7.47 -6.27 -18.77
CA TYR D 238 -7.37 -7.09 -17.58
C TYR D 238 -6.99 -6.27 -16.36
N SER D 239 -7.27 -4.96 -16.40
CA SER D 239 -6.93 -4.06 -15.30
C SER D 239 -8.21 -3.42 -14.78
N THR D 240 -8.51 -3.69 -13.52
CA THR D 240 -9.63 -3.00 -12.85
C THR D 240 -9.26 -2.87 -11.38
N GLY D 241 -9.70 -1.77 -10.78
CA GLY D 241 -9.26 -1.52 -9.42
C GLY D 241 -7.84 -1.06 -9.28
N THR D 242 -7.24 -0.53 -10.34
CA THR D 242 -5.83 -0.15 -10.30
C THR D 242 -5.68 1.34 -10.51
N PHE D 243 -4.45 1.80 -10.24
CA PHE D 243 -4.14 3.21 -10.20
C PHE D 243 -2.89 3.45 -11.03
N ILE D 244 -2.93 4.48 -11.86
CA ILE D 244 -1.73 5.01 -12.50
C ILE D 244 -1.40 6.35 -11.87
N ASP D 245 -0.25 6.42 -11.20
CA ASP D 245 0.22 7.69 -10.66
C ASP D 245 0.88 8.47 -11.80
N VAL D 246 0.49 9.74 -11.94
CA VAL D 246 1.01 10.64 -12.97
C VAL D 246 1.57 11.82 -12.20
N SER D 247 2.69 11.58 -11.51
CA SER D 247 3.17 12.45 -10.46
C SER D 247 4.67 12.73 -10.54
N GLY D 248 5.34 12.28 -11.60
CA GLY D 248 6.77 12.54 -11.69
C GLY D 248 7.60 11.90 -10.61
N GLY D 249 7.09 10.88 -9.94
CA GLY D 249 7.78 10.19 -8.88
C GLY D 249 7.39 10.64 -7.48
N ARG D 250 6.57 11.68 -7.38
CA ARG D 250 6.07 12.17 -6.11
C ARG D 250 5.09 11.15 -5.57
#